data_2TPL
#
_entry.id   2TPL
#
_cell.length_a   135.070
_cell.length_b   143.910
_cell.length_c   59.800
_cell.angle_alpha   90.00
_cell.angle_beta   90.00
_cell.angle_gamma   90.00
#
_symmetry.space_group_name_H-M   'P 21 21 2'
#
loop_
_entity.id
_entity.type
_entity.pdbx_description
1 polymer 'TYROSINE PHENOL-LYASE'
2 non-polymer 'CESIUM ION'
3 non-polymer 'HYDROXYPHENYL PROPIONIC ACID'
4 water water
#
_entity_poly.entity_id   1
_entity_poly.type   'polypeptide(L)'
_entity_poly.pdbx_seq_one_letter_code
;MNYPAEPFRIKSVETVSMIPRDERLKKMQEAGYNTFLLNSKDIYIDLLTDSGTNAMSDKQWAGMMMGDEAYAGSENFYHL
ERTVQELFGFKHIVPTHQGRGAENLLSQLAIKPGQYVAGNMYFTTTRYHQEKNGAVFVDIVRDEAHDAGLNIAFKGDIDL
KKLQKLIDEKGAENIAYICLAVTVNLAGGQPVSMANMRAVRELTAAHGIKVFYDATRCVENAYFIKEQEQGFENKSIAEI
VHEMFSYADGCTMSGK(LLP)DCLVNIGGFLCMNDDEMFSSAKELVVVYEGMPSYGGLAGRDMEAMAIGLREAMQYEYIE
HRVKQVRYLGDKLKAAGVPIVEPVGGHAVFLDARRFCEHLTQDEFPAQSLAASIYVETGVRSMERGIISAGRNNVTGEHH
RPKLETVRLTIPRRVYTYAHMDVVADGIIKLYQHKEDIRGLKFIYEPKQLRFFTARFDYI
;
_entity_poly.pdbx_strand_id   A,B
#
loop_
_chem_comp.id
_chem_comp.type
_chem_comp.name
_chem_comp.formula
CS non-polymer 'CESIUM ION' 'Cs 1'
HPP non-polymer 'HYDROXYPHENYL PROPIONIC ACID' 'C9 H10 O3'
#
# COMPACT_ATOMS: atom_id res chain seq x y z
N ASN A 2 -24.65 -30.13 11.97
CA ASN A 2 -24.35 -28.85 12.60
C ASN A 2 -23.12 -28.20 11.94
N TYR A 3 -22.10 -29.02 11.74
CA TYR A 3 -20.77 -28.54 11.36
C TYR A 3 -20.43 -29.11 10.00
N PRO A 4 -20.53 -28.28 8.97
CA PRO A 4 -20.27 -28.63 7.59
C PRO A 4 -18.84 -29.08 7.31
N ALA A 5 -18.65 -29.93 6.31
CA ALA A 5 -17.33 -30.30 5.81
C ALA A 5 -16.79 -29.21 4.89
N GLU A 6 -15.48 -29.11 4.77
CA GLU A 6 -14.93 -28.07 3.87
C GLU A 6 -15.57 -28.23 2.50
N PRO A 7 -16.10 -27.15 1.94
CA PRO A 7 -16.71 -27.12 0.62
C PRO A 7 -15.68 -26.90 -0.47
N PHE A 8 -14.48 -27.43 -0.30
CA PHE A 8 -13.36 -27.32 -1.22
C PHE A 8 -12.41 -28.51 -1.02
N ARG A 9 -11.40 -28.59 -1.90
CA ARG A 9 -10.33 -29.52 -1.56
C ARG A 9 -8.99 -28.83 -1.45
N ILE A 10 -8.08 -29.48 -0.73
CA ILE A 10 -6.75 -28.91 -0.54
C ILE A 10 -6.00 -29.00 -1.86
N LYS A 11 -5.56 -27.87 -2.38
CA LYS A 11 -4.80 -27.85 -3.63
C LYS A 11 -3.31 -27.86 -3.33
N SER A 12 -2.86 -26.95 -2.47
CA SER A 12 -1.44 -26.99 -2.10
C SER A 12 -1.29 -26.73 -0.62
N VAL A 13 -0.33 -27.35 0.05
CA VAL A 13 -0.11 -27.15 1.49
C VAL A 13 1.07 -26.22 1.80
N GLU A 14 1.04 -25.63 2.98
CA GLU A 14 2.13 -24.93 3.61
C GLU A 14 2.67 -25.92 4.66
N THR A 15 3.91 -26.34 4.50
CA THR A 15 4.54 -27.28 5.41
C THR A 15 4.82 -26.56 6.73
N VAL A 16 4.73 -27.29 7.83
CA VAL A 16 5.00 -26.72 9.15
C VAL A 16 6.03 -27.58 9.89
N SER A 17 6.83 -26.97 10.74
CA SER A 17 7.82 -27.59 11.60
C SER A 17 7.32 -28.72 12.50
N MET A 18 6.35 -28.43 13.37
CA MET A 18 5.92 -29.40 14.37
C MET A 18 6.95 -29.53 15.50
N ILE A 19 7.40 -28.41 16.07
CA ILE A 19 8.35 -28.52 17.18
C ILE A 19 7.57 -28.88 18.43
N PRO A 20 8.24 -29.62 19.30
CA PRO A 20 7.69 -30.09 20.56
C PRO A 20 7.64 -29.03 21.64
N ARG A 21 6.93 -29.39 22.70
CA ARG A 21 6.63 -28.52 23.82
C ARG A 21 7.86 -27.86 24.42
N ASP A 22 8.86 -28.69 24.74
CA ASP A 22 10.10 -28.15 25.29
C ASP A 22 10.77 -27.15 24.37
N GLU A 23 10.72 -27.35 23.06
CA GLU A 23 11.27 -26.41 22.10
C GLU A 23 10.41 -25.16 21.96
N ARG A 24 9.10 -25.33 22.07
CA ARG A 24 8.22 -24.16 22.02
C ARG A 24 8.42 -23.27 23.24
N LEU A 25 8.68 -23.91 24.38
CA LEU A 25 8.88 -23.14 25.61
C LEU A 25 10.13 -22.27 25.48
N LYS A 26 11.17 -22.86 24.88
CA LYS A 26 12.35 -22.05 24.55
C LYS A 26 11.93 -20.91 23.63
N LYS A 27 11.17 -21.22 22.57
CA LYS A 27 10.81 -20.18 21.60
C LYS A 27 10.00 -19.06 22.24
N MET A 28 9.05 -19.42 23.10
CA MET A 28 8.22 -18.44 23.80
C MET A 28 9.04 -17.59 24.76
N GLN A 29 10.08 -18.19 25.36
CA GLN A 29 11.05 -17.50 26.20
C GLN A 29 11.93 -16.54 25.42
N GLU A 30 12.39 -16.94 24.23
CA GLU A 30 13.17 -16.03 23.40
C GLU A 30 12.36 -14.82 23.01
N ALA A 31 11.05 -15.02 22.92
CA ALA A 31 10.07 -14.03 22.54
C ALA A 31 9.67 -13.14 23.71
N GLY A 32 10.10 -13.53 24.91
CA GLY A 32 9.83 -12.70 26.09
C GLY A 32 8.38 -12.88 26.47
N TYR A 33 7.89 -14.11 26.20
CA TYR A 33 6.49 -14.48 26.36
C TYR A 33 5.50 -13.55 25.67
N ASN A 34 5.87 -12.81 24.66
CA ASN A 34 4.94 -11.96 23.91
C ASN A 34 4.72 -12.76 22.62
N THR A 35 3.47 -13.13 22.34
CA THR A 35 3.27 -13.96 21.15
C THR A 35 3.52 -13.18 19.88
N PHE A 36 3.49 -11.85 19.91
CA PHE A 36 3.75 -11.02 18.75
C PHE A 36 5.20 -11.06 18.29
N LEU A 37 6.12 -11.60 19.08
CA LEU A 37 7.53 -11.65 18.75
C LEU A 37 7.90 -13.03 18.25
N LEU A 38 7.01 -13.99 18.38
CA LEU A 38 7.28 -15.34 17.89
C LEU A 38 7.55 -15.33 16.38
N ASN A 39 8.40 -16.26 15.91
CA ASN A 39 8.57 -16.36 14.46
C ASN A 39 7.43 -17.17 13.86
N SER A 40 7.08 -16.79 12.63
CA SER A 40 6.05 -17.50 11.90
C SER A 40 6.47 -18.91 11.56
N LYS A 41 7.77 -19.20 11.45
CA LYS A 41 8.24 -20.56 11.19
C LYS A 41 8.01 -21.46 12.38
N ASP A 42 7.97 -20.94 13.59
CA ASP A 42 7.94 -21.71 14.82
C ASP A 42 6.52 -21.96 15.29
N ILE A 43 5.55 -21.60 14.44
CA ILE A 43 4.16 -21.63 14.80
C ILE A 43 3.42 -22.62 13.92
N TYR A 44 2.56 -23.39 14.57
CA TYR A 44 1.88 -24.47 13.86
C TYR A 44 0.57 -23.94 13.28
N ILE A 45 -0.24 -23.36 14.19
CA ILE A 45 -1.52 -22.80 13.79
C ILE A 45 -1.57 -21.34 14.22
N ASP A 46 -1.46 -20.41 13.29
CA ASP A 46 -1.38 -18.99 13.64
C ASP A 46 -2.76 -18.36 13.66
N LEU A 47 -3.24 -18.05 14.86
CA LEU A 47 -4.51 -17.34 14.99
C LEU A 47 -4.30 -15.92 15.48
N LEU A 48 -3.13 -15.36 15.16
CA LEU A 48 -2.87 -13.97 15.54
C LEU A 48 -3.98 -13.07 14.98
N THR A 49 -4.36 -13.32 13.73
CA THR A 49 -5.24 -12.39 13.04
C THR A 49 -5.97 -13.13 11.93
N ASP A 50 -7.11 -12.59 11.51
CA ASP A 50 -7.75 -13.15 10.31
C ASP A 50 -7.41 -12.27 9.11
N SER A 51 -6.46 -11.37 9.24
CA SER A 51 -6.18 -10.44 8.18
C SER A 51 -5.05 -10.89 7.27
N GLY A 52 -5.39 -11.09 6.00
CA GLY A 52 -4.47 -11.23 4.90
C GLY A 52 -3.79 -12.59 4.80
N THR A 53 -4.21 -13.52 5.61
CA THR A 53 -3.57 -14.83 5.68
C THR A 53 -4.51 -15.89 5.14
N ASN A 54 -5.45 -15.45 4.29
CA ASN A 54 -6.40 -16.39 3.70
C ASN A 54 -5.65 -17.28 2.72
N ALA A 55 -6.18 -18.48 2.53
CA ALA A 55 -5.67 -19.35 1.46
C ALA A 55 -6.44 -18.99 0.18
N MET A 56 -5.78 -18.66 -0.90
CA MET A 56 -6.51 -18.43 -2.14
C MET A 56 -6.85 -19.73 -2.87
N SER A 57 -7.75 -19.59 -3.85
CA SER A 57 -8.08 -20.67 -4.74
C SER A 57 -7.04 -20.76 -5.86
N ASP A 58 -7.24 -21.90 -6.53
CA ASP A 58 -6.57 -22.20 -7.79
C ASP A 58 -7.03 -21.24 -8.86
N LYS A 59 -8.20 -20.64 -8.85
CA LYS A 59 -8.51 -19.59 -9.85
C LYS A 59 -7.88 -18.27 -9.49
N GLN A 60 -7.81 -17.92 -8.22
CA GLN A 60 -7.11 -16.69 -7.80
C GLN A 60 -5.67 -16.79 -8.27
N TRP A 61 -5.03 -17.95 -8.01
CA TRP A 61 -3.65 -18.15 -8.41
C TRP A 61 -3.47 -18.12 -9.92
N ALA A 62 -4.47 -18.53 -10.69
CA ALA A 62 -4.39 -18.42 -12.15
C ALA A 62 -4.51 -16.97 -12.56
N GLY A 63 -5.23 -16.17 -11.81
CA GLY A 63 -5.34 -14.73 -11.98
C GLY A 63 -4.02 -14.08 -11.59
N MET A 64 -3.30 -14.64 -10.61
CA MET A 64 -1.98 -14.18 -10.19
C MET A 64 -0.95 -14.17 -11.32
N MET A 65 -1.08 -15.04 -12.29
CA MET A 65 -0.18 -15.21 -13.43
C MET A 65 -0.59 -14.40 -14.64
N MET A 66 -1.71 -13.69 -14.47
CA MET A 66 -2.31 -12.86 -15.50
C MET A 66 -2.28 -11.38 -15.13
N GLY A 67 -1.35 -11.00 -14.26
CA GLY A 67 -1.25 -9.61 -13.86
C GLY A 67 -0.86 -8.80 -15.08
N ASP A 68 -1.72 -7.82 -15.36
CA ASP A 68 -1.38 -6.82 -16.40
C ASP A 68 -0.94 -5.61 -15.59
N GLU A 69 0.38 -5.34 -15.63
CA GLU A 69 0.96 -4.38 -14.71
C GLU A 69 1.09 -2.99 -15.28
N ALA A 70 0.38 -2.66 -16.35
CA ALA A 70 0.40 -1.26 -16.81
C ALA A 70 0.02 -0.36 -15.64
N TYR A 71 0.57 0.85 -15.67
CA TYR A 71 0.29 1.90 -14.72
C TYR A 71 -1.19 2.30 -14.78
N ALA A 72 -1.73 2.29 -15.99
CA ALA A 72 -3.08 2.73 -16.26
C ALA A 72 -3.68 1.80 -17.30
N GLY A 73 -4.94 1.42 -17.21
CA GLY A 73 -5.63 0.72 -18.28
C GLY A 73 -5.58 -0.79 -18.12
N SER A 74 -5.11 -1.23 -16.96
CA SER A 74 -4.90 -2.66 -16.75
C SER A 74 -6.24 -3.37 -16.84
N GLU A 75 -6.24 -4.54 -17.44
CA GLU A 75 -7.38 -5.44 -17.42
C GLU A 75 -7.78 -5.86 -16.01
N ASN A 76 -6.85 -5.95 -15.07
CA ASN A 76 -7.16 -6.31 -13.71
C ASN A 76 -7.86 -5.20 -12.92
N PHE A 77 -7.61 -3.94 -13.27
CA PHE A 77 -8.32 -2.86 -12.58
C PHE A 77 -9.76 -2.91 -13.10
N TYR A 78 -9.91 -3.14 -14.40
CA TYR A 78 -11.24 -3.19 -15.01
C TYR A 78 -12.09 -4.35 -14.47
N HIS A 79 -11.47 -5.49 -14.27
CA HIS A 79 -12.16 -6.64 -13.70
C HIS A 79 -12.50 -6.44 -12.22
N LEU A 80 -11.62 -5.76 -11.48
CA LEU A 80 -11.92 -5.39 -10.13
C LEU A 80 -13.07 -4.39 -10.06
N GLU A 81 -12.95 -3.27 -10.76
CA GLU A 81 -13.98 -2.25 -10.78
C GLU A 81 -15.35 -2.84 -11.11
N ARG A 82 -15.39 -3.65 -12.18
CA ARG A 82 -16.70 -4.16 -12.57
C ARG A 82 -17.27 -5.16 -11.57
N THR A 83 -16.43 -5.95 -10.92
CA THR A 83 -16.89 -6.91 -9.93
C THR A 83 -17.46 -6.19 -8.72
N VAL A 84 -16.86 -5.09 -8.26
CA VAL A 84 -17.39 -4.42 -7.07
C VAL A 84 -18.68 -3.72 -7.44
N GLN A 85 -18.72 -3.10 -8.62
CA GLN A 85 -19.91 -2.35 -9.04
C GLN A 85 -21.09 -3.30 -9.07
N GLU A 86 -20.86 -4.47 -9.65
CA GLU A 86 -21.88 -5.51 -9.70
C GLU A 86 -22.31 -5.99 -8.34
N LEU A 87 -21.37 -6.42 -7.51
CA LEU A 87 -21.67 -7.07 -6.25
C LEU A 87 -22.10 -6.04 -5.20
N PHE A 88 -21.33 -4.96 -5.04
CA PHE A 88 -21.66 -4.02 -3.99
C PHE A 88 -22.64 -2.95 -4.44
N GLY A 89 -22.62 -2.57 -5.71
CA GLY A 89 -23.52 -1.56 -6.23
C GLY A 89 -23.07 -0.11 -6.15
N PHE A 90 -21.83 0.24 -5.90
CA PHE A 90 -21.42 1.64 -5.83
C PHE A 90 -21.00 2.13 -7.21
N LYS A 91 -21.14 3.43 -7.46
CA LYS A 91 -20.84 3.93 -8.80
C LYS A 91 -19.33 3.88 -8.98
N HIS A 92 -18.58 4.48 -8.05
CA HIS A 92 -17.15 4.64 -8.29
C HIS A 92 -16.40 3.67 -7.41
N ILE A 93 -15.19 3.29 -7.82
CA ILE A 93 -14.38 2.48 -6.91
C ILE A 93 -12.90 2.76 -7.08
N VAL A 94 -12.21 3.19 -6.05
CA VAL A 94 -10.79 3.47 -6.02
C VAL A 94 -10.08 2.41 -5.16
N PRO A 95 -9.21 1.63 -5.77
CA PRO A 95 -8.50 0.57 -5.09
C PRO A 95 -7.44 1.20 -4.20
N THR A 96 -7.21 0.61 -3.05
CA THR A 96 -6.15 1.05 -2.14
C THR A 96 -5.36 -0.18 -1.68
N HIS A 97 -4.14 0.00 -1.20
CA HIS A 97 -3.32 -1.15 -0.81
C HIS A 97 -3.94 -1.97 0.29
N GLN A 98 -4.73 -1.40 1.20
CA GLN A 98 -5.50 -2.17 2.17
C GLN A 98 -6.56 -1.26 2.79
N GLY A 99 -7.33 -1.78 3.74
CA GLY A 99 -8.42 -1.03 4.36
C GLY A 99 -8.04 0.32 4.90
N ARG A 100 -6.95 0.46 5.65
CA ARG A 100 -6.62 1.77 6.21
C ARG A 100 -6.22 2.80 5.17
N GLY A 101 -5.86 2.44 3.95
CA GLY A 101 -5.55 3.44 2.93
C GLY A 101 -6.86 4.05 2.45
N ALA A 102 -7.88 3.22 2.38
CA ALA A 102 -9.23 3.66 2.09
C ALA A 102 -9.70 4.62 3.19
N GLU A 103 -9.49 4.26 4.45
CA GLU A 103 -9.89 5.11 5.56
C GLU A 103 -9.21 6.47 5.56
N ASN A 104 -7.90 6.54 5.41
CA ASN A 104 -7.20 7.81 5.27
C ASN A 104 -7.88 8.73 4.25
N LEU A 105 -8.18 8.20 3.08
CA LEU A 105 -8.80 8.92 1.99
C LEU A 105 -10.22 9.37 2.32
N LEU A 106 -11.01 8.48 2.90
CA LEU A 106 -12.39 8.83 3.21
C LEU A 106 -12.46 9.94 4.25
N SER A 107 -11.63 9.88 5.28
CA SER A 107 -11.59 10.88 6.32
C SER A 107 -11.04 12.21 5.88
N GLN A 108 -10.16 12.26 4.87
CA GLN A 108 -9.65 13.56 4.43
C GLN A 108 -10.73 14.23 3.59
N LEU A 109 -11.53 13.41 2.90
CA LEU A 109 -12.58 13.91 2.05
C LEU A 109 -13.92 14.17 2.72
N ALA A 110 -14.15 13.66 3.94
CA ALA A 110 -15.53 13.68 4.42
C ALA A 110 -15.74 14.34 5.76
N ILE A 111 -14.68 14.83 6.39
CA ILE A 111 -14.80 15.46 7.70
C ILE A 111 -14.30 16.90 7.69
N LYS A 112 -15.12 17.82 8.20
CA LYS A 112 -14.60 19.16 8.53
C LYS A 112 -14.20 19.07 10.01
N PRO A 113 -13.03 19.58 10.33
CA PRO A 113 -12.56 19.63 11.72
C PRO A 113 -13.66 20.11 12.64
N GLY A 114 -13.83 19.44 13.78
CA GLY A 114 -14.84 19.71 14.75
C GLY A 114 -16.18 19.04 14.49
N GLN A 115 -16.39 18.35 13.38
CA GLN A 115 -17.68 17.69 13.14
C GLN A 115 -17.71 16.39 13.94
N TYR A 116 -18.88 15.79 14.08
CA TYR A 116 -18.96 14.52 14.80
C TYR A 116 -19.04 13.35 13.82
N VAL A 117 -18.32 12.28 14.13
CA VAL A 117 -18.46 11.05 13.34
C VAL A 117 -18.90 9.96 14.32
N ALA A 118 -20.06 9.39 14.00
CA ALA A 118 -20.69 8.44 14.91
C ALA A 118 -20.86 7.06 14.31
N GLY A 119 -20.44 6.05 15.08
CA GLY A 119 -20.55 4.67 14.66
C GLY A 119 -20.92 3.68 15.74
N ASN A 120 -20.89 2.41 15.36
CA ASN A 120 -21.18 1.29 16.25
C ASN A 120 -19.87 0.73 16.78
N MET A 121 -19.33 1.25 17.86
CA MET A 121 -17.99 0.91 18.32
C MET A 121 -17.03 1.29 17.19
N TYR A 122 -15.73 1.30 17.45
CA TYR A 122 -14.77 1.75 16.45
C TYR A 122 -13.79 0.60 16.19
N PHE A 123 -12.90 0.84 15.25
CA PHE A 123 -11.70 0.06 15.03
C PHE A 123 -10.53 1.05 15.04
N THR A 124 -9.37 0.64 15.54
CA THR A 124 -8.28 1.59 15.73
C THR A 124 -8.07 2.48 14.51
N THR A 125 -7.67 1.88 13.38
CA THR A 125 -7.29 2.66 12.22
C THR A 125 -8.35 3.67 11.82
N THR A 126 -9.57 3.17 11.74
CA THR A 126 -10.72 4.00 11.38
C THR A 126 -10.92 5.20 12.30
N ARG A 127 -10.84 4.98 13.61
CA ARG A 127 -10.94 6.04 14.61
C ARG A 127 -9.76 6.99 14.52
N TYR A 128 -8.55 6.45 14.31
CA TYR A 128 -7.41 7.32 14.08
C TYR A 128 -7.72 8.25 12.91
N HIS A 129 -8.07 7.73 11.74
CA HIS A 129 -8.20 8.58 10.56
C HIS A 129 -9.27 9.65 10.70
N GLN A 130 -10.36 9.31 11.37
CA GLN A 130 -11.40 10.24 11.75
C GLN A 130 -10.91 11.41 12.62
N GLU A 131 -10.27 11.07 13.72
CA GLU A 131 -9.78 12.03 14.70
C GLU A 131 -8.63 12.89 14.23
N LYS A 132 -7.69 12.24 13.54
CA LYS A 132 -6.63 12.96 12.85
C LYS A 132 -7.22 14.01 11.93
N ASN A 133 -8.41 13.88 11.34
CA ASN A 133 -8.97 14.93 10.53
C ASN A 133 -9.95 15.87 11.23
N GLY A 134 -10.01 15.88 12.55
CA GLY A 134 -10.74 16.91 13.28
C GLY A 134 -12.06 16.44 13.87
N ALA A 135 -12.37 15.17 13.65
CA ALA A 135 -13.64 14.63 14.07
C ALA A 135 -13.62 14.22 15.55
N VAL A 136 -14.82 14.37 16.10
CA VAL A 136 -15.07 13.87 17.44
C VAL A 136 -15.88 12.59 17.22
N PHE A 137 -15.37 11.54 17.83
CA PHE A 137 -15.98 10.23 17.66
C PHE A 137 -17.05 9.94 18.69
N VAL A 138 -18.20 9.46 18.24
CA VAL A 138 -19.32 9.18 19.12
C VAL A 138 -19.82 7.74 18.94
N ASP A 139 -19.77 6.95 20.01
CA ASP A 139 -20.18 5.57 19.94
C ASP A 139 -21.69 5.42 20.10
N ILE A 140 -22.40 5.02 19.04
CA ILE A 140 -23.84 4.85 19.15
C ILE A 140 -24.27 3.40 18.99
N VAL A 141 -23.42 2.47 19.40
CA VAL A 141 -23.83 1.06 19.40
C VAL A 141 -24.83 0.84 20.52
N ARG A 142 -25.67 -0.20 20.42
CA ARG A 142 -26.61 -0.45 21.50
C ARG A 142 -25.81 -0.75 22.78
N ASP A 143 -26.42 -0.51 23.93
CA ASP A 143 -25.78 -0.73 25.22
C ASP A 143 -25.42 -2.19 25.43
N GLU A 144 -26.22 -3.11 24.88
CA GLU A 144 -26.00 -4.54 25.06
C GLU A 144 -24.72 -5.07 24.43
N ALA A 145 -24.17 -4.42 23.43
CA ALA A 145 -22.93 -4.88 22.81
C ALA A 145 -21.70 -4.67 23.68
N HIS A 146 -21.75 -3.77 24.66
CA HIS A 146 -20.65 -3.59 25.60
C HIS A 146 -20.68 -4.64 26.70
N ASP A 147 -21.76 -5.41 26.78
CA ASP A 147 -21.87 -6.53 27.71
C ASP A 147 -21.30 -7.78 27.05
N ALA A 148 -20.09 -8.16 27.43
CA ALA A 148 -19.34 -9.24 26.82
C ALA A 148 -19.95 -10.61 27.04
N GLY A 149 -20.80 -10.75 28.06
CA GLY A 149 -21.40 -12.04 28.36
C GLY A 149 -22.83 -12.21 27.88
N LEU A 150 -23.50 -11.11 27.57
CA LEU A 150 -24.87 -11.11 27.11
C LEU A 150 -25.01 -11.72 25.73
N ASN A 151 -25.70 -12.85 25.66
CA ASN A 151 -25.94 -13.56 24.42
C ASN A 151 -27.20 -13.17 23.69
N ILE A 152 -27.19 -12.07 22.94
CA ILE A 152 -28.31 -11.70 22.08
C ILE A 152 -27.79 -11.71 20.64
N ALA A 153 -28.70 -11.83 19.68
CA ALA A 153 -28.33 -11.73 18.27
C ALA A 153 -28.29 -10.29 17.81
N PHE A 154 -27.50 -10.03 16.78
CA PHE A 154 -27.30 -8.73 16.20
C PHE A 154 -26.92 -7.69 17.23
N LYS A 155 -25.86 -8.04 17.94
CA LYS A 155 -25.25 -7.20 18.96
C LYS A 155 -24.54 -6.01 18.35
N GLY A 156 -24.27 -6.00 17.05
CA GLY A 156 -23.66 -4.85 16.42
C GLY A 156 -24.59 -3.71 16.09
N ASP A 157 -25.90 -3.88 16.18
CA ASP A 157 -26.85 -2.86 15.75
C ASP A 157 -26.68 -1.52 16.44
N ILE A 158 -26.94 -0.44 15.71
CA ILE A 158 -26.90 0.91 16.27
C ILE A 158 -28.14 1.13 17.12
N ASP A 159 -28.00 1.82 18.26
CA ASP A 159 -29.19 2.29 18.97
C ASP A 159 -29.65 3.56 18.24
N LEU A 160 -30.85 3.50 17.68
CA LEU A 160 -31.39 4.66 16.97
C LEU A 160 -31.70 5.82 17.90
N LYS A 161 -32.07 5.46 19.12
CA LYS A 161 -32.25 6.41 20.19
C LYS A 161 -31.01 7.27 20.40
N LYS A 162 -29.81 6.69 20.41
CA LYS A 162 -28.63 7.53 20.54
C LYS A 162 -28.39 8.32 19.27
N LEU A 163 -28.79 7.75 18.14
CA LEU A 163 -28.55 8.43 16.87
C LEU A 163 -29.45 9.65 16.77
N GLN A 164 -30.67 9.56 17.30
CA GLN A 164 -31.56 10.70 17.38
C GLN A 164 -31.07 11.82 18.30
N LYS A 165 -30.62 11.47 19.50
CA LYS A 165 -30.13 12.48 20.42
C LYS A 165 -28.94 13.21 19.84
N LEU A 166 -28.00 12.51 19.20
CA LEU A 166 -26.86 13.18 18.58
C LEU A 166 -27.31 14.23 17.57
N ILE A 167 -28.25 13.87 16.71
CA ILE A 167 -28.82 14.85 15.79
C ILE A 167 -29.47 15.99 16.53
N ASP A 168 -30.39 15.72 17.46
CA ASP A 168 -30.95 16.76 18.31
C ASP A 168 -29.88 17.66 18.92
N GLU A 169 -29.11 17.11 19.85
CA GLU A 169 -28.11 17.84 20.58
C GLU A 169 -27.08 18.58 19.75
N LYS A 170 -26.48 17.92 18.76
CA LYS A 170 -25.40 18.52 18.01
C LYS A 170 -25.80 19.10 16.67
N GLY A 171 -26.91 18.64 16.11
CA GLY A 171 -27.34 19.13 14.80
C GLY A 171 -26.73 18.31 13.68
N ALA A 172 -27.52 18.03 12.65
CA ALA A 172 -27.08 17.25 11.49
C ALA A 172 -26.03 17.90 10.61
N GLU A 173 -25.98 19.23 10.52
CA GLU A 173 -24.90 19.93 9.83
C GLU A 173 -23.56 19.61 10.47
N ASN A 174 -23.53 19.39 11.79
CA ASN A 174 -22.29 19.15 12.51
C ASN A 174 -21.96 17.68 12.64
N ILE A 175 -22.72 16.83 11.96
CA ILE A 175 -22.41 15.42 11.84
C ILE A 175 -21.74 15.10 10.50
N ALA A 176 -20.47 14.70 10.51
CA ALA A 176 -19.75 14.41 9.26
C ALA A 176 -20.37 13.25 8.49
N TYR A 177 -20.44 12.10 9.16
CA TYR A 177 -21.07 10.90 8.62
C TYR A 177 -21.19 9.83 9.71
N ILE A 178 -22.07 8.90 9.40
CA ILE A 178 -22.30 7.75 10.27
C ILE A 178 -21.41 6.59 9.81
N CYS A 179 -20.62 6.05 10.74
CA CYS A 179 -19.69 5.00 10.34
C CYS A 179 -20.18 3.62 10.80
N LEU A 180 -20.86 2.96 9.86
CA LEU A 180 -21.45 1.67 10.21
C LEU A 180 -20.57 0.48 9.86
N ALA A 181 -20.17 -0.29 10.85
CA ALA A 181 -19.26 -1.42 10.70
C ALA A 181 -20.00 -2.76 10.66
N VAL A 182 -19.68 -3.59 9.67
CA VAL A 182 -20.22 -4.93 9.54
C VAL A 182 -19.05 -5.89 9.31
N THR A 183 -18.77 -6.79 10.23
CA THR A 183 -19.44 -6.94 11.51
C THR A 183 -18.78 -6.06 12.54
N VAL A 184 -19.11 -6.16 13.81
CA VAL A 184 -18.45 -5.29 14.80
C VAL A 184 -17.35 -6.06 15.51
N ASN A 185 -16.13 -5.69 15.17
CA ASN A 185 -14.95 -6.32 15.74
C ASN A 185 -14.80 -6.16 17.23
N LEU A 186 -14.93 -5.01 17.88
CA LEU A 186 -14.77 -4.84 19.31
C LEU A 186 -15.76 -5.64 20.16
N ALA A 187 -16.99 -5.86 19.64
CA ALA A 187 -17.97 -6.66 20.35
C ALA A 187 -17.79 -8.16 20.10
N GLY A 188 -16.80 -8.52 19.28
CA GLY A 188 -16.43 -9.92 19.15
C GLY A 188 -16.74 -10.38 17.74
N GLY A 189 -16.98 -9.43 16.84
CA GLY A 189 -17.29 -9.79 15.46
C GLY A 189 -18.78 -10.09 15.33
N GLN A 190 -19.59 -9.19 15.85
CA GLN A 190 -21.04 -9.36 15.91
C GLN A 190 -21.71 -8.67 14.75
N PRO A 191 -22.81 -9.23 14.29
CA PRO A 191 -23.52 -8.85 13.10
C PRO A 191 -24.48 -7.69 13.25
N VAL A 192 -24.75 -7.03 12.14
CA VAL A 192 -25.69 -5.90 12.11
C VAL A 192 -26.88 -6.38 11.30
N SER A 193 -28.09 -6.23 11.83
CA SER A 193 -29.28 -6.71 11.11
C SER A 193 -29.49 -5.86 9.86
N MET A 194 -30.31 -6.33 8.94
CA MET A 194 -30.67 -5.56 7.76
C MET A 194 -31.66 -4.46 8.12
N ALA A 195 -32.57 -4.78 9.04
CA ALA A 195 -33.49 -3.81 9.62
C ALA A 195 -32.78 -2.59 10.18
N ASN A 196 -31.70 -2.83 10.93
CA ASN A 196 -30.93 -1.79 11.57
C ASN A 196 -30.30 -0.86 10.54
N MET A 197 -29.74 -1.47 9.48
CA MET A 197 -29.17 -0.74 8.37
C MET A 197 -30.20 0.07 7.58
N ARG A 198 -31.40 -0.48 7.46
CA ARG A 198 -32.46 0.28 6.81
C ARG A 198 -32.89 1.48 7.66
N ALA A 199 -33.10 1.17 8.94
CA ALA A 199 -33.50 2.17 9.92
C ALA A 199 -32.54 3.36 9.93
N VAL A 200 -31.23 3.08 9.99
CA VAL A 200 -30.22 4.13 9.94
C VAL A 200 -30.26 4.94 8.66
N ARG A 201 -30.41 4.29 7.51
CA ARG A 201 -30.47 4.98 6.24
C ARG A 201 -31.67 5.92 6.16
N GLU A 202 -32.80 5.54 6.71
CA GLU A 202 -33.98 6.40 6.73
C GLU A 202 -33.87 7.58 7.67
N LEU A 203 -33.33 7.39 8.86
CA LEU A 203 -33.08 8.49 9.78
C LEU A 203 -31.99 9.45 9.30
N THR A 204 -30.86 8.94 8.82
CA THR A 204 -29.78 9.81 8.34
C THR A 204 -30.19 10.52 7.05
N ALA A 205 -30.90 9.82 6.17
CA ALA A 205 -31.40 10.42 4.96
C ALA A 205 -32.27 11.64 5.26
N ALA A 206 -33.28 11.47 6.10
CA ALA A 206 -34.13 12.55 6.56
C ALA A 206 -33.36 13.83 6.89
N HIS A 207 -32.29 13.70 7.66
CA HIS A 207 -31.42 14.75 8.10
C HIS A 207 -30.26 15.10 7.21
N GLY A 208 -30.23 14.58 5.99
CA GLY A 208 -29.15 14.84 5.05
C GLY A 208 -27.81 14.23 5.45
N ILE A 209 -27.77 13.27 6.36
CA ILE A 209 -26.53 12.72 6.88
C ILE A 209 -25.98 11.54 6.07
N LYS A 210 -24.70 11.58 5.74
CA LYS A 210 -24.01 10.56 4.96
C LYS A 210 -23.68 9.34 5.80
N VAL A 211 -23.78 8.16 5.20
CA VAL A 211 -23.55 6.87 5.84
C VAL A 211 -22.52 6.04 5.06
N PHE A 212 -21.34 5.83 5.65
CA PHE A 212 -20.27 5.06 5.02
C PHE A 212 -19.97 3.80 5.82
N TYR A 213 -20.05 2.63 5.18
CA TYR A 213 -19.75 1.39 5.88
C TYR A 213 -18.27 1.11 6.02
N ASP A 214 -17.91 0.52 7.16
CA ASP A 214 -16.60 -0.11 7.32
C ASP A 214 -17.00 -1.59 7.13
N ALA A 215 -16.86 -2.01 5.88
CA ALA A 215 -17.40 -3.27 5.41
C ALA A 215 -16.44 -4.45 5.39
N THR A 216 -15.37 -4.45 6.19
CA THR A 216 -14.32 -5.44 5.99
C THR A 216 -14.81 -6.86 6.14
N ARG A 217 -15.77 -7.15 7.00
CA ARG A 217 -16.21 -8.52 7.21
C ARG A 217 -17.68 -8.60 6.83
N CYS A 218 -18.02 -7.91 5.74
CA CYS A 218 -19.40 -7.73 5.30
C CYS A 218 -20.04 -9.02 4.77
N VAL A 219 -19.25 -10.01 4.40
CA VAL A 219 -19.78 -11.28 3.92
C VAL A 219 -20.00 -12.22 5.09
N GLU A 220 -19.21 -12.13 6.15
CA GLU A 220 -19.55 -12.81 7.40
C GLU A 220 -20.88 -12.28 7.93
N ASN A 221 -21.04 -10.94 7.88
CA ASN A 221 -22.28 -10.30 8.31
C ASN A 221 -23.45 -10.80 7.49
N ALA A 222 -23.30 -10.88 6.17
CA ALA A 222 -24.33 -11.36 5.27
C ALA A 222 -24.84 -12.73 5.72
N TYR A 223 -23.88 -13.58 6.06
CA TYR A 223 -24.19 -14.90 6.55
C TYR A 223 -25.08 -14.83 7.79
N PHE A 224 -24.77 -14.02 8.81
CA PHE A 224 -25.66 -13.96 9.97
C PHE A 224 -27.05 -13.48 9.54
N ILE A 225 -27.13 -12.53 8.61
CA ILE A 225 -28.44 -12.06 8.16
C ILE A 225 -29.24 -13.24 7.60
N LYS A 226 -28.61 -14.01 6.74
CA LYS A 226 -29.28 -15.15 6.15
C LYS A 226 -29.65 -16.22 7.17
N GLU A 227 -28.73 -16.49 8.09
CA GLU A 227 -28.95 -17.53 9.09
C GLU A 227 -29.99 -17.09 10.12
N GLN A 228 -30.00 -15.81 10.54
CA GLN A 228 -30.85 -15.39 11.62
C GLN A 228 -31.95 -14.39 11.41
N GLU A 229 -31.98 -13.55 10.40
CA GLU A 229 -33.02 -12.52 10.26
C GLU A 229 -34.22 -13.08 9.52
N GLN A 230 -35.41 -13.08 10.10
CA GLN A 230 -36.58 -13.59 9.39
C GLN A 230 -36.73 -12.87 8.05
N GLY A 231 -36.95 -13.60 6.96
CA GLY A 231 -37.14 -12.94 5.68
C GLY A 231 -36.01 -13.14 4.69
N PHE A 232 -34.80 -13.43 5.15
CA PHE A 232 -33.63 -13.53 4.27
C PHE A 232 -33.27 -14.98 4.04
N GLU A 233 -34.22 -15.88 4.30
CA GLU A 233 -33.98 -17.31 4.16
C GLU A 233 -34.02 -17.72 2.70
N ASN A 234 -34.73 -17.00 1.84
CA ASN A 234 -34.70 -17.30 0.42
C ASN A 234 -33.69 -16.45 -0.33
N LYS A 235 -33.02 -15.51 0.33
CA LYS A 235 -32.13 -14.60 -0.42
C LYS A 235 -30.74 -15.19 -0.46
N SER A 236 -29.93 -14.83 -1.44
CA SER A 236 -28.59 -15.37 -1.61
C SER A 236 -27.62 -14.45 -0.88
N ILE A 237 -26.41 -14.92 -0.63
CA ILE A 237 -25.37 -14.11 0.01
C ILE A 237 -25.12 -12.88 -0.86
N ALA A 238 -25.05 -13.06 -2.17
CA ALA A 238 -24.94 -11.97 -3.13
C ALA A 238 -26.13 -11.03 -3.09
N GLU A 239 -27.38 -11.46 -3.02
CA GLU A 239 -28.48 -10.52 -2.75
C GLU A 239 -28.38 -9.85 -1.38
N ILE A 240 -28.08 -10.56 -0.30
CA ILE A 240 -27.87 -9.89 0.98
C ILE A 240 -26.82 -8.80 0.92
N VAL A 241 -25.66 -9.08 0.31
CA VAL A 241 -24.60 -8.07 0.26
C VAL A 241 -25.06 -6.83 -0.49
N HIS A 242 -25.65 -7.04 -1.67
CA HIS A 242 -26.10 -5.91 -2.48
C HIS A 242 -27.14 -5.06 -1.76
N GLU A 243 -28.10 -5.74 -1.10
CA GLU A 243 -29.09 -4.99 -0.34
C GLU A 243 -28.40 -4.18 0.75
N MET A 244 -27.49 -4.77 1.52
CA MET A 244 -26.79 -4.06 2.58
C MET A 244 -26.15 -2.77 2.13
N PHE A 245 -25.38 -2.86 1.03
CA PHE A 245 -24.68 -1.70 0.52
C PHE A 245 -25.63 -0.70 -0.12
N SER A 246 -26.90 -1.06 -0.29
CA SER A 246 -27.88 -0.12 -0.79
C SER A 246 -28.22 0.89 0.27
N TYR A 247 -27.97 0.63 1.54
CA TYR A 247 -28.15 1.59 2.62
C TYR A 247 -26.93 2.42 2.96
N ALA A 248 -25.91 2.43 2.10
CA ALA A 248 -24.69 3.18 2.44
C ALA A 248 -24.33 4.09 1.28
N ASP A 249 -23.60 5.16 1.57
CA ASP A 249 -23.21 6.14 0.57
C ASP A 249 -21.90 5.74 -0.10
N GLY A 250 -21.22 4.80 0.53
CA GLY A 250 -19.92 4.33 0.07
C GLY A 250 -19.40 3.40 1.16
N CYS A 251 -18.18 2.91 1.02
CA CYS A 251 -17.65 2.01 2.04
C CYS A 251 -16.13 1.95 1.93
N THR A 252 -15.48 1.70 3.06
CA THR A 252 -14.05 1.39 2.98
C THR A 252 -13.96 -0.12 3.20
N MET A 253 -13.11 -0.80 2.47
CA MET A 253 -13.16 -2.26 2.49
C MET A 253 -11.73 -2.78 2.58
N SER A 254 -11.46 -3.72 3.45
CA SER A 254 -10.15 -4.35 3.44
C SER A 254 -10.32 -5.71 2.77
N GLY A 255 -9.75 -5.93 1.61
CA GLY A 255 -9.92 -7.22 0.92
C GLY A 255 -9.25 -8.34 1.71
N LYS A 256 -8.22 -8.02 2.51
CA LYS A 256 -7.48 -8.92 3.37
C LYS A 256 -8.40 -9.73 4.27
N1 LLP A 257 -11.94 -1.77 10.04
C2 LLP A 257 -12.20 -2.97 10.61
C2' LLP A 257 -13.50 -3.21 11.36
C3 LLP A 257 -11.21 -3.93 10.40
O3 LLP A 257 -11.33 -5.14 10.87
C4 LLP A 257 -10.02 -3.64 9.68
C4' LLP A 257 -9.01 -4.68 9.49
C5 LLP A 257 -9.83 -2.36 9.13
C6 LLP A 257 -10.83 -1.44 9.35
C5' LLP A 257 -8.58 -2.00 8.36
OP4 LLP A 257 -8.37 -2.89 7.23
P LLP A 257 -6.84 -3.16 6.83
OP1 LLP A 257 -6.78 -3.87 5.50
OP2 LLP A 257 -6.19 -3.98 7.91
OP3 LLP A 257 -6.13 -1.84 6.68
N LLP A 257 -9.55 -9.16 4.65
CA LLP A 257 -10.51 -9.87 5.50
CB LLP A 257 -11.00 -8.92 6.57
CG LLP A 257 -10.04 -8.86 7.78
CD LLP A 257 -9.16 -7.64 7.83
CE LLP A 257 -8.86 -7.18 9.25
NZ LLP A 257 -9.52 -5.88 9.58
C LLP A 257 -11.45 -10.61 4.58
O LLP A 257 -10.98 -11.64 4.03
N ASP A 258 -12.65 -10.17 4.20
CA ASP A 258 -13.52 -11.07 3.45
C ASP A 258 -13.34 -11.18 1.95
N CYS A 259 -12.38 -10.56 1.27
CA CYS A 259 -12.24 -10.88 -0.15
C CYS A 259 -11.29 -12.06 -0.37
N LEU A 260 -10.85 -12.71 0.68
CA LEU A 260 -10.00 -13.87 0.63
C LEU A 260 -8.66 -13.64 -0.05
N VAL A 261 -8.02 -12.51 0.19
CA VAL A 261 -6.71 -12.29 -0.42
C VAL A 261 -5.74 -11.94 0.69
N ASN A 262 -4.52 -11.70 0.25
CA ASN A 262 -3.44 -11.45 1.19
C ASN A 262 -3.06 -9.97 1.18
N ILE A 263 -3.68 -9.16 0.33
CA ILE A 263 -3.39 -7.72 0.35
C ILE A 263 -4.43 -7.05 -0.54
N GLY A 264 -4.78 -5.80 -0.29
CA GLY A 264 -5.73 -5.13 -1.17
C GLY A 264 -6.90 -4.59 -0.39
N GLY A 265 -7.46 -3.48 -0.84
CA GLY A 265 -8.65 -2.91 -0.17
C GLY A 265 -9.27 -1.97 -1.22
N PHE A 266 -10.26 -1.19 -0.86
CA PHE A 266 -10.85 -0.26 -1.80
C PHE A 266 -11.85 0.64 -1.07
N LEU A 267 -11.93 1.87 -1.53
CA LEU A 267 -12.89 2.87 -1.07
C LEU A 267 -13.99 2.85 -2.13
N CYS A 268 -15.26 2.83 -1.77
CA CYS A 268 -16.30 3.06 -2.76
C CYS A 268 -17.12 4.30 -2.39
N MET A 269 -17.77 4.91 -3.36
CA MET A 269 -18.68 6.01 -3.06
C MET A 269 -19.58 6.15 -4.28
N ASN A 270 -20.69 6.86 -4.11
CA ASN A 270 -21.55 7.12 -5.27
C ASN A 270 -21.41 8.58 -5.74
N ASP A 271 -20.95 9.46 -4.86
CA ASP A 271 -20.84 10.86 -5.24
C ASP A 271 -19.75 11.12 -6.28
N ASP A 272 -20.15 11.59 -7.46
CA ASP A 272 -19.17 12.07 -8.42
C ASP A 272 -18.24 13.11 -7.82
N GLU A 273 -18.70 14.16 -7.13
CA GLU A 273 -17.76 15.21 -6.70
C GLU A 273 -16.66 14.63 -5.82
N MET A 274 -17.06 13.83 -4.84
CA MET A 274 -16.13 13.22 -3.91
C MET A 274 -15.16 12.27 -4.61
N PHE A 275 -15.62 11.57 -5.64
CA PHE A 275 -14.74 10.74 -6.43
C PHE A 275 -13.60 11.53 -7.09
N SER A 276 -13.87 12.69 -7.66
CA SER A 276 -12.84 13.53 -8.26
C SER A 276 -11.82 14.01 -7.24
N SER A 277 -12.28 14.44 -6.06
CA SER A 277 -11.37 14.81 -5.00
C SER A 277 -10.53 13.59 -4.58
N ALA A 278 -11.15 12.42 -4.53
CA ALA A 278 -10.48 11.18 -4.16
C ALA A 278 -9.34 10.81 -5.11
N LYS A 279 -9.58 10.97 -6.41
CA LYS A 279 -8.57 10.72 -7.41
C LYS A 279 -7.34 11.58 -7.25
N GLU A 280 -7.50 12.86 -6.93
CA GLU A 280 -6.29 13.67 -6.74
C GLU A 280 -5.56 13.24 -5.48
N LEU A 281 -6.29 12.87 -4.43
CA LEU A 281 -5.66 12.52 -3.17
C LEU A 281 -5.06 11.13 -3.12
N VAL A 282 -5.65 10.21 -3.90
CA VAL A 282 -5.15 8.85 -3.94
C VAL A 282 -3.76 8.77 -4.53
N VAL A 283 -3.41 9.62 -5.48
CA VAL A 283 -2.10 9.63 -6.11
C VAL A 283 -0.97 9.81 -5.11
N VAL A 284 -1.18 10.68 -4.14
CA VAL A 284 -0.15 11.02 -3.17
C VAL A 284 0.08 9.93 -2.16
N TYR A 285 -1.00 9.34 -1.66
CA TYR A 285 -0.90 8.33 -0.62
C TYR A 285 -0.73 6.93 -1.18
N GLU A 286 -1.42 6.51 -2.24
CA GLU A 286 -1.42 5.09 -2.61
C GLU A 286 -0.82 4.79 -3.99
N GLY A 287 -1.27 5.53 -4.98
CA GLY A 287 -0.77 5.43 -6.35
C GLY A 287 -1.83 6.01 -7.28
N MET A 288 -1.58 5.93 -8.57
CA MET A 288 -2.56 6.36 -9.58
C MET A 288 -3.89 5.71 -9.22
N PRO A 289 -5.00 6.32 -9.61
CA PRO A 289 -6.33 5.84 -9.28
C PRO A 289 -6.66 4.57 -10.02
N SER A 290 -5.88 4.17 -11.02
CA SER A 290 -6.06 2.94 -11.75
C SER A 290 -5.39 1.71 -11.13
N TYR A 291 -4.67 1.86 -10.03
CA TYR A 291 -4.02 0.68 -9.43
C TYR A 291 -4.07 0.79 -7.91
N GLY A 292 -4.07 2.03 -7.41
CA GLY A 292 -4.18 2.32 -6.00
C GLY A 292 -3.22 1.57 -5.08
N GLY A 293 -1.95 1.44 -5.42
CA GLY A 293 -0.98 0.81 -4.54
C GLY A 293 -0.98 -0.70 -4.67
N LEU A 294 -1.69 -1.28 -5.64
CA LEU A 294 -1.71 -2.72 -5.79
C LEU A 294 -1.17 -3.18 -7.13
N ALA A 295 -0.32 -4.20 -7.12
CA ALA A 295 0.09 -4.77 -8.41
C ALA A 295 -1.18 -5.26 -9.10
N GLY A 296 -1.19 -5.24 -10.40
CA GLY A 296 -2.29 -5.75 -11.23
C GLY A 296 -2.73 -7.13 -10.78
N ARG A 297 -1.84 -8.10 -10.60
CA ARG A 297 -2.22 -9.43 -10.14
C ARG A 297 -3.04 -9.42 -8.86
N ASP A 298 -2.90 -8.42 -8.00
CA ASP A 298 -3.60 -8.36 -6.74
C ASP A 298 -4.98 -7.80 -6.88
N MET A 299 -5.16 -6.92 -7.86
CA MET A 299 -6.50 -6.40 -8.17
C MET A 299 -7.25 -7.60 -8.74
N GLU A 300 -6.59 -8.38 -9.59
CA GLU A 300 -7.21 -9.57 -10.15
C GLU A 300 -7.63 -10.59 -9.12
N ALA A 301 -6.73 -10.95 -8.21
CA ALA A 301 -7.07 -11.97 -7.21
C ALA A 301 -8.15 -11.47 -6.27
N MET A 302 -8.23 -10.17 -5.99
CA MET A 302 -9.25 -9.65 -5.06
C MET A 302 -10.60 -9.68 -5.76
N ALA A 303 -10.60 -9.49 -7.08
CA ALA A 303 -11.84 -9.52 -7.86
C ALA A 303 -12.43 -10.92 -7.86
N ILE A 304 -11.55 -11.87 -8.11
CA ILE A 304 -11.90 -13.30 -8.08
C ILE A 304 -12.24 -13.74 -6.68
N GLY A 305 -11.52 -13.24 -5.67
CA GLY A 305 -11.85 -13.51 -4.28
C GLY A 305 -13.24 -13.02 -3.92
N LEU A 306 -13.61 -11.79 -4.31
CA LEU A 306 -14.87 -11.21 -3.79
C LEU A 306 -16.01 -12.13 -4.22
N ARG A 307 -15.92 -12.48 -5.50
CA ARG A 307 -16.86 -13.37 -6.16
C ARG A 307 -16.88 -14.76 -5.58
N GLU A 308 -15.74 -15.32 -5.13
CA GLU A 308 -15.80 -16.62 -4.46
C GLU A 308 -16.43 -16.49 -3.08
N ALA A 309 -16.27 -15.33 -2.44
CA ALA A 309 -16.77 -15.15 -1.08
C ALA A 309 -18.28 -15.28 -1.00
N MET A 310 -19.00 -15.03 -2.09
CA MET A 310 -20.43 -15.13 -2.24
C MET A 310 -20.98 -16.55 -2.24
N GLN A 311 -20.18 -17.59 -2.40
CA GLN A 311 -20.70 -18.95 -2.38
C GLN A 311 -21.20 -19.36 -1.00
N TYR A 312 -22.49 -19.61 -0.85
CA TYR A 312 -23.12 -20.00 0.38
C TYR A 312 -22.23 -20.93 1.20
N GLU A 313 -21.97 -22.12 0.65
CA GLU A 313 -21.20 -23.15 1.32
C GLU A 313 -19.84 -22.64 1.79
N TYR A 314 -19.11 -21.80 1.05
CA TYR A 314 -17.87 -21.28 1.59
C TYR A 314 -18.19 -20.51 2.88
N ILE A 315 -19.09 -19.51 2.82
CA ILE A 315 -19.22 -18.63 3.97
C ILE A 315 -19.86 -19.33 5.16
N GLU A 316 -20.79 -20.22 4.88
CA GLU A 316 -21.41 -21.07 5.87
C GLU A 316 -20.39 -21.96 6.57
N HIS A 317 -19.50 -22.64 5.83
CA HIS A 317 -18.38 -23.32 6.48
C HIS A 317 -17.45 -22.37 7.22
N ARG A 318 -17.06 -21.21 6.70
CA ARG A 318 -16.23 -20.26 7.42
C ARG A 318 -16.75 -19.96 8.81
N VAL A 319 -17.95 -19.39 8.89
CA VAL A 319 -18.59 -18.98 10.12
C VAL A 319 -18.84 -20.19 11.03
N LYS A 320 -19.17 -21.34 10.43
CA LYS A 320 -19.45 -22.48 11.30
C LYS A 320 -18.18 -23.11 11.85
N GLN A 321 -17.07 -22.95 11.14
CA GLN A 321 -15.81 -23.42 11.69
C GLN A 321 -15.42 -22.62 12.92
N VAL A 322 -15.62 -21.31 12.95
CA VAL A 322 -15.33 -20.55 14.16
C VAL A 322 -16.24 -20.99 15.29
N ARG A 323 -17.52 -21.19 14.97
CA ARG A 323 -18.58 -21.54 15.90
C ARG A 323 -18.29 -22.87 16.61
N TYR A 324 -17.95 -23.86 15.78
CA TYR A 324 -17.39 -25.13 16.24
C TYR A 324 -16.36 -24.93 17.33
N LEU A 325 -15.32 -24.11 17.10
CA LEU A 325 -14.33 -23.86 18.15
C LEU A 325 -14.98 -23.26 19.39
N GLY A 326 -15.84 -22.26 19.23
CA GLY A 326 -16.50 -21.66 20.40
C GLY A 326 -17.40 -22.62 21.15
N ASP A 327 -18.06 -23.50 20.39
CA ASP A 327 -19.01 -24.45 20.96
C ASP A 327 -18.32 -25.44 21.88
N LYS A 328 -17.18 -25.90 21.42
CA LYS A 328 -16.35 -26.84 22.16
C LYS A 328 -15.81 -26.14 23.40
N LEU A 329 -15.49 -24.86 23.31
CA LEU A 329 -14.97 -24.16 24.48
C LEU A 329 -16.08 -23.89 25.47
N LYS A 330 -17.26 -23.50 25.00
CA LYS A 330 -18.40 -23.19 25.85
C LYS A 330 -18.80 -24.41 26.67
N ALA A 331 -18.82 -25.56 25.99
CA ALA A 331 -19.20 -26.83 26.56
C ALA A 331 -18.26 -27.35 27.63
N ALA A 332 -17.02 -26.91 27.70
CA ALA A 332 -16.16 -27.29 28.81
C ALA A 332 -16.20 -26.23 29.89
N GLY A 333 -16.96 -25.15 29.75
CA GLY A 333 -16.97 -24.13 30.78
C GLY A 333 -15.86 -23.10 30.65
N VAL A 334 -15.20 -23.03 29.49
CA VAL A 334 -14.23 -21.94 29.32
C VAL A 334 -15.01 -20.67 29.06
N PRO A 335 -14.68 -19.59 29.73
CA PRO A 335 -15.28 -18.28 29.49
C PRO A 335 -14.89 -17.64 28.17
N ILE A 336 -15.84 -17.35 27.27
CA ILE A 336 -15.55 -16.64 26.03
C ILE A 336 -16.45 -15.43 25.83
N VAL A 337 -16.08 -14.45 25.01
CA VAL A 337 -17.05 -13.40 24.69
C VAL A 337 -18.21 -14.15 24.05
N GLU A 338 -19.45 -13.74 24.30
CA GLU A 338 -20.56 -14.32 23.53
C GLU A 338 -21.48 -13.22 23.01
N PRO A 339 -22.29 -13.61 22.05
CA PRO A 339 -22.20 -14.84 21.30
C PRO A 339 -21.04 -14.86 20.31
N VAL A 340 -20.48 -16.01 19.99
CA VAL A 340 -19.35 -16.16 19.08
C VAL A 340 -19.46 -15.31 17.81
N GLY A 341 -18.41 -14.60 17.40
CA GLY A 341 -18.52 -13.81 16.17
C GLY A 341 -18.30 -14.56 14.88
N GLY A 342 -18.09 -13.83 13.78
CA GLY A 342 -17.86 -14.49 12.50
C GLY A 342 -16.41 -14.93 12.30
N HIS A 343 -15.45 -14.29 12.97
CA HIS A 343 -14.05 -14.43 12.61
C HIS A 343 -13.13 -14.86 13.74
N ALA A 344 -13.59 -14.87 14.99
CA ALA A 344 -12.66 -15.19 16.06
C ALA A 344 -13.44 -15.67 17.27
N VAL A 345 -12.79 -16.35 18.20
CA VAL A 345 -13.38 -16.66 19.51
C VAL A 345 -12.64 -15.78 20.52
N PHE A 346 -13.28 -15.06 21.43
CA PHE A 346 -12.43 -14.29 22.34
C PHE A 346 -12.46 -14.95 23.71
N LEU A 347 -11.36 -15.44 24.25
CA LEU A 347 -11.41 -15.89 25.64
C LEU A 347 -11.47 -14.72 26.62
N ASP A 348 -12.22 -14.96 27.68
CA ASP A 348 -12.30 -14.02 28.79
C ASP A 348 -11.26 -14.48 29.82
N ALA A 349 -10.16 -13.74 29.84
CA ALA A 349 -8.98 -14.14 30.57
C ALA A 349 -8.95 -13.70 32.03
N ARG A 350 -9.79 -12.72 32.36
CA ARG A 350 -9.95 -12.36 33.77
C ARG A 350 -10.69 -13.48 34.48
N ARG A 351 -11.71 -13.98 33.77
CA ARG A 351 -12.44 -15.12 34.31
C ARG A 351 -11.50 -16.31 34.35
N PHE A 352 -11.01 -16.68 33.17
CA PHE A 352 -10.07 -17.80 33.05
C PHE A 352 -9.03 -17.74 34.16
N CYS A 353 -8.43 -16.58 34.41
CA CYS A 353 -7.45 -16.37 35.45
C CYS A 353 -7.87 -15.41 36.57
N GLU A 354 -8.77 -15.82 37.47
CA GLU A 354 -9.20 -14.96 38.56
C GLU A 354 -8.19 -14.81 39.69
N HIS A 355 -7.29 -15.77 39.84
CA HIS A 355 -6.20 -15.63 40.78
C HIS A 355 -5.28 -14.47 40.44
N LEU A 356 -5.27 -13.97 39.21
CA LEU A 356 -4.38 -12.87 38.85
C LEU A 356 -5.10 -11.54 38.66
N THR A 357 -4.41 -10.47 39.07
CA THR A 357 -4.91 -9.12 38.85
C THR A 357 -4.56 -8.75 37.41
N GLN A 358 -5.32 -7.80 36.87
CA GLN A 358 -5.05 -7.21 35.57
C GLN A 358 -3.71 -6.52 35.46
N ASP A 359 -3.01 -6.17 36.53
CA ASP A 359 -1.64 -5.71 36.53
C ASP A 359 -0.63 -6.84 36.32
N GLU A 360 -1.09 -8.06 36.53
CA GLU A 360 -0.30 -9.26 36.38
C GLU A 360 -0.41 -9.92 35.00
N PHE A 361 -1.11 -9.22 34.12
CA PHE A 361 -1.16 -9.41 32.69
C PHE A 361 -1.66 -10.77 32.27
N PRO A 362 -2.88 -11.08 32.69
CA PRO A 362 -3.53 -12.36 32.53
C PRO A 362 -3.73 -12.78 31.08
N ALA A 363 -4.23 -11.90 30.22
CA ALA A 363 -4.41 -12.25 28.82
C ALA A 363 -3.08 -12.59 28.14
N GLN A 364 -2.08 -11.70 28.26
CA GLN A 364 -0.77 -11.98 27.70
C GLN A 364 -0.27 -13.32 28.24
N SER A 365 -0.43 -13.55 29.55
CA SER A 365 0.08 -14.79 30.11
C SER A 365 -0.59 -16.01 29.51
N LEU A 366 -1.90 -15.90 29.30
CA LEU A 366 -2.69 -16.98 28.70
C LEU A 366 -2.26 -17.28 27.28
N ALA A 367 -2.13 -16.21 26.50
CA ALA A 367 -1.62 -16.30 25.12
C ALA A 367 -0.23 -16.92 25.10
N ALA A 368 0.69 -16.56 25.99
CA ALA A 368 1.95 -17.30 26.12
C ALA A 368 1.69 -18.77 26.42
N SER A 369 0.76 -19.09 27.32
CA SER A 369 0.59 -20.49 27.72
C SER A 369 -0.03 -21.32 26.62
N ILE A 370 -0.97 -20.75 25.87
CA ILE A 370 -1.56 -21.46 24.72
C ILE A 370 -0.50 -21.92 23.72
N TYR A 371 0.39 -21.01 23.31
CA TYR A 371 1.44 -21.38 22.36
C TYR A 371 2.30 -22.52 22.89
N VAL A 372 2.77 -22.36 24.12
CA VAL A 372 3.57 -23.40 24.76
C VAL A 372 2.86 -24.75 24.70
N GLU A 373 1.59 -24.83 25.10
CA GLU A 373 0.92 -26.11 25.15
C GLU A 373 0.42 -26.65 23.83
N THR A 374 0.16 -25.87 22.79
CA THR A 374 -0.40 -26.45 21.55
C THR A 374 0.39 -26.14 20.29
N GLY A 375 1.15 -25.05 20.27
CA GLY A 375 1.78 -24.57 19.05
C GLY A 375 0.93 -23.55 18.30
N VAL A 376 -0.13 -23.04 18.90
CA VAL A 376 -1.01 -22.01 18.38
C VAL A 376 -0.66 -20.62 18.89
N ARG A 377 -0.61 -19.62 18.02
CA ARG A 377 -0.38 -18.23 18.45
C ARG A 377 -1.74 -17.56 18.56
N SER A 378 -2.02 -16.78 19.60
CA SER A 378 -3.22 -15.98 19.62
C SER A 378 -2.84 -14.56 20.00
N MET A 379 -3.73 -13.59 19.95
CA MET A 379 -3.36 -12.20 20.19
C MET A 379 -3.81 -11.73 21.58
N GLU A 380 -2.93 -10.99 22.27
CA GLU A 380 -3.40 -10.44 23.55
C GLU A 380 -4.26 -9.24 23.13
N ARG A 381 -5.42 -9.15 23.77
CA ARG A 381 -6.28 -7.99 23.58
C ARG A 381 -6.75 -7.51 24.96
N GLY A 382 -5.85 -6.83 25.67
CA GLY A 382 -6.19 -6.40 27.03
C GLY A 382 -5.30 -5.23 27.41
N ILE A 383 -4.98 -5.22 28.71
CA ILE A 383 -4.22 -4.11 29.31
C ILE A 383 -2.92 -3.84 28.57
N ILE A 384 -2.16 -4.88 28.19
CA ILE A 384 -0.95 -4.67 27.40
C ILE A 384 -1.20 -3.95 26.08
N SER A 385 -2.29 -4.20 25.37
CA SER A 385 -2.53 -3.56 24.09
C SER A 385 -3.29 -2.24 24.20
N ALA A 386 -3.62 -1.86 25.42
CA ALA A 386 -4.30 -0.59 25.65
C ALA A 386 -3.26 0.51 25.83
N GLY A 387 -2.09 0.12 26.32
CA GLY A 387 -1.02 1.09 26.56
C GLY A 387 -1.20 1.83 27.88
N ARG A 388 -0.15 2.60 28.17
CA ARG A 388 -0.11 3.42 29.38
C ARG A 388 -0.58 4.83 29.05
N ASN A 389 -0.97 5.56 30.08
CA ASN A 389 -1.27 6.99 30.00
C ASN A 389 0.04 7.75 30.21
N ASN A 390 0.47 8.58 29.28
CA ASN A 390 1.75 9.27 29.46
C ASN A 390 1.74 10.47 30.40
N VAL A 391 0.56 11.02 30.69
CA VAL A 391 0.47 12.10 31.66
C VAL A 391 0.51 11.54 33.08
N THR A 392 -0.25 10.49 33.30
CA THR A 392 -0.29 9.78 34.57
C THR A 392 0.90 8.85 34.72
N GLY A 393 1.10 8.10 33.64
CA GLY A 393 2.08 7.02 33.59
C GLY A 393 1.38 5.68 33.81
N GLU A 394 0.12 5.68 34.19
CA GLU A 394 -0.51 4.43 34.65
C GLU A 394 -1.19 3.72 33.51
N HIS A 395 -1.23 2.38 33.54
CA HIS A 395 -1.83 1.58 32.47
C HIS A 395 -3.25 2.05 32.17
N HIS A 396 -3.68 2.05 30.90
CA HIS A 396 -5.10 2.26 30.61
C HIS A 396 -5.75 0.90 30.94
N ARG A 397 -6.53 0.79 31.98
CA ARG A 397 -7.02 -0.54 32.39
C ARG A 397 -8.35 -0.80 31.73
N PRO A 398 -8.30 -1.67 30.72
CA PRO A 398 -9.37 -1.98 29.79
C PRO A 398 -10.43 -2.91 30.38
N LYS A 399 -11.69 -2.64 30.06
CA LYS A 399 -12.79 -3.40 30.62
C LYS A 399 -12.74 -4.85 30.21
N LEU A 400 -12.42 -5.10 28.95
CA LEU A 400 -12.24 -6.41 28.34
C LEU A 400 -10.81 -6.94 28.43
N GLU A 401 -10.61 -8.09 29.04
CA GLU A 401 -9.27 -8.64 29.18
C GLU A 401 -9.23 -9.99 28.49
N THR A 402 -9.09 -9.89 27.15
CA THR A 402 -9.21 -11.04 26.28
C THR A 402 -7.97 -11.42 25.47
N VAL A 403 -8.05 -12.71 25.14
CA VAL A 403 -7.16 -13.43 24.27
C VAL A 403 -7.97 -13.78 23.00
N ARG A 404 -7.54 -13.31 21.84
CA ARG A 404 -8.30 -13.54 20.63
C ARG A 404 -7.68 -14.63 19.74
N LEU A 405 -8.55 -15.58 19.39
CA LEU A 405 -8.26 -16.69 18.52
C LEU A 405 -8.84 -16.39 17.14
N THR A 406 -8.07 -15.71 16.29
CA THR A 406 -8.65 -15.22 15.05
C THR A 406 -8.39 -16.20 13.93
N ILE A 407 -9.41 -16.62 13.18
CA ILE A 407 -9.26 -17.70 12.21
C ILE A 407 -9.22 -17.23 10.76
N PRO A 408 -8.10 -17.32 10.08
CA PRO A 408 -7.96 -17.06 8.67
C PRO A 408 -8.91 -17.97 7.88
N ARG A 409 -9.45 -17.42 6.80
CA ARG A 409 -10.36 -18.10 5.92
C ARG A 409 -9.60 -19.13 5.10
N ARG A 410 -10.08 -20.36 5.16
CA ARG A 410 -9.76 -21.51 4.35
C ARG A 410 -8.39 -22.10 4.62
N VAL A 411 -7.76 -21.82 5.75
CA VAL A 411 -6.42 -22.31 6.03
C VAL A 411 -6.42 -23.55 6.91
N TYR A 412 -7.26 -23.62 7.94
CA TYR A 412 -7.18 -24.72 8.90
C TYR A 412 -8.41 -25.61 8.82
N THR A 413 -8.33 -26.80 9.38
CA THR A 413 -9.39 -27.77 9.37
C THR A 413 -10.08 -27.90 10.74
N TYR A 414 -10.96 -28.91 10.88
CA TYR A 414 -11.64 -29.08 12.16
C TYR A 414 -10.68 -29.79 13.11
N ALA A 415 -9.75 -30.57 12.64
CA ALA A 415 -8.73 -31.14 13.50
C ALA A 415 -7.84 -30.04 14.10
N HIS A 416 -7.57 -29.01 13.31
CA HIS A 416 -6.86 -27.85 13.82
C HIS A 416 -7.66 -27.15 14.91
N MET A 417 -8.99 -27.07 14.76
CA MET A 417 -9.79 -26.44 15.82
C MET A 417 -9.69 -27.27 17.10
N ASP A 418 -9.55 -28.58 16.95
CA ASP A 418 -9.42 -29.53 18.05
C ASP A 418 -8.13 -29.40 18.84
N VAL A 419 -7.02 -29.28 18.14
CA VAL A 419 -5.76 -28.93 18.77
C VAL A 419 -5.92 -27.69 19.64
N VAL A 420 -6.39 -26.56 19.11
CA VAL A 420 -6.64 -25.36 19.91
C VAL A 420 -7.52 -25.66 21.11
N ALA A 421 -8.73 -26.15 20.86
CA ALA A 421 -9.76 -26.38 21.86
C ALA A 421 -9.20 -27.24 22.97
N ASP A 422 -8.70 -28.39 22.54
CA ASP A 422 -8.10 -29.32 23.51
C ASP A 422 -7.05 -28.69 24.38
N GLY A 423 -6.12 -27.89 23.88
CA GLY A 423 -5.12 -27.26 24.72
C GLY A 423 -5.74 -26.24 25.66
N ILE A 424 -6.62 -25.40 25.16
CA ILE A 424 -7.31 -24.41 25.95
C ILE A 424 -8.17 -25.06 27.03
N ILE A 425 -8.71 -26.24 26.77
CA ILE A 425 -9.54 -26.90 27.77
C ILE A 425 -8.70 -27.46 28.90
N LYS A 426 -7.53 -28.03 28.57
CA LYS A 426 -6.69 -28.60 29.61
C LYS A 426 -6.00 -27.52 30.44
N LEU A 427 -5.73 -26.36 29.81
CA LEU A 427 -5.20 -25.28 30.63
C LEU A 427 -6.30 -24.83 31.60
N TYR A 428 -7.55 -24.76 31.13
CA TYR A 428 -8.64 -24.34 31.97
C TYR A 428 -8.80 -25.21 33.21
N GLN A 429 -8.67 -26.51 33.05
CA GLN A 429 -8.59 -27.48 34.10
C GLN A 429 -7.52 -27.22 35.15
N HIS A 430 -6.43 -26.54 34.85
CA HIS A 430 -5.40 -26.18 35.81
C HIS A 430 -5.16 -24.67 35.78
N LYS A 431 -6.24 -23.90 35.62
CA LYS A 431 -6.12 -22.47 35.46
C LYS A 431 -5.33 -21.78 36.55
N GLU A 432 -5.36 -22.26 37.78
CA GLU A 432 -4.62 -21.69 38.90
C GLU A 432 -3.10 -21.71 38.71
N ASP A 433 -2.57 -22.66 37.94
CA ASP A 433 -1.16 -22.70 37.64
C ASP A 433 -0.69 -21.68 36.61
N ILE A 434 -1.52 -20.83 36.05
CA ILE A 434 -1.05 -19.78 35.14
C ILE A 434 -0.35 -18.66 35.90
N ARG A 435 0.97 -18.48 35.79
CA ARG A 435 1.65 -17.41 36.51
C ARG A 435 1.37 -16.05 35.89
N GLY A 436 1.58 -14.96 36.61
CA GLY A 436 1.35 -13.62 36.04
C GLY A 436 2.66 -13.19 35.39
N LEU A 437 2.70 -12.06 34.70
CA LEU A 437 3.95 -11.61 34.09
C LEU A 437 4.31 -10.20 34.56
N LYS A 438 5.59 -9.88 34.66
CA LYS A 438 6.01 -8.49 34.85
C LYS A 438 6.73 -8.06 33.57
N PHE A 439 6.72 -6.78 33.25
CA PHE A 439 7.52 -6.26 32.15
C PHE A 439 9.01 -6.42 32.41
N ILE A 440 9.79 -6.86 31.44
CA ILE A 440 11.24 -6.79 31.59
C ILE A 440 11.78 -5.81 30.55
N TYR A 441 10.90 -5.38 29.66
CA TYR A 441 11.21 -4.31 28.71
C TYR A 441 9.91 -3.73 28.15
N GLU A 442 9.73 -2.43 28.28
CA GLU A 442 8.51 -1.79 27.78
C GLU A 442 8.84 -0.55 26.96
N PRO A 443 8.33 -0.55 25.74
CA PRO A 443 8.52 0.50 24.77
C PRO A 443 7.63 1.71 25.02
N LYS A 444 8.12 2.88 24.61
CA LYS A 444 7.42 4.14 24.82
C LYS A 444 6.06 4.10 24.11
N GLN A 445 6.10 3.63 22.86
CA GLN A 445 4.86 3.45 22.12
C GLN A 445 4.79 2.14 21.36
N LEU A 446 3.54 1.77 21.09
CA LEU A 446 3.14 0.51 20.47
C LEU A 446 3.65 -0.68 21.28
N ARG A 447 3.41 -0.68 22.60
CA ARG A 447 4.07 -1.57 23.54
C ARG A 447 3.82 -3.04 23.29
N PHE A 448 2.63 -3.39 22.83
CA PHE A 448 2.21 -4.77 22.63
C PHE A 448 3.02 -5.51 21.57
N PHE A 449 3.41 -4.76 20.55
CA PHE A 449 4.24 -5.27 19.48
C PHE A 449 5.59 -5.78 19.95
N THR A 450 6.30 -5.11 20.86
CA THR A 450 7.65 -5.57 21.18
C THR A 450 7.93 -5.74 22.66
N ALA A 451 6.94 -5.49 23.50
CA ALA A 451 7.15 -5.68 24.94
C ALA A 451 7.62 -7.11 25.16
N ARG A 452 8.45 -7.27 26.18
CA ARG A 452 8.89 -8.60 26.60
C ARG A 452 8.63 -8.73 28.10
N PHE A 453 8.47 -9.95 28.57
CA PHE A 453 8.10 -10.20 29.95
C PHE A 453 8.90 -11.37 30.56
N ASP A 454 8.78 -11.45 31.88
CA ASP A 454 9.16 -12.61 32.65
C ASP A 454 8.00 -12.93 33.59
N TYR A 455 8.05 -14.12 34.16
CA TYR A 455 7.10 -14.50 35.19
C TYR A 455 7.41 -13.87 36.54
N ILE A 456 6.31 -13.65 37.24
CA ILE A 456 6.35 -13.18 38.62
C ILE A 456 6.94 -14.29 39.50
N ASN B 2 29.20 -2.35 -28.28
CA ASN B 2 28.61 -1.09 -27.81
C ASN B 2 27.30 -1.31 -27.08
N TYR B 3 26.47 -2.23 -27.56
CA TYR B 3 25.19 -2.52 -26.92
C TYR B 3 25.10 -4.03 -26.69
N PRO B 4 25.02 -4.38 -25.42
CA PRO B 4 25.10 -5.76 -24.98
C PRO B 4 23.81 -6.52 -25.30
N ALA B 5 23.95 -7.81 -25.52
CA ALA B 5 22.77 -8.66 -25.67
C ALA B 5 22.14 -8.82 -24.29
N GLU B 6 20.90 -9.27 -24.21
CA GLU B 6 20.24 -9.48 -22.94
C GLU B 6 21.01 -10.52 -22.16
N PRO B 7 21.29 -10.23 -20.91
CA PRO B 7 22.00 -11.11 -20.00
C PRO B 7 21.04 -12.07 -19.32
N PHE B 8 20.05 -12.56 -20.04
CA PHE B 8 19.00 -13.45 -19.61
C PHE B 8 18.31 -14.06 -20.82
N ARG B 9 17.61 -15.16 -20.54
CA ARG B 9 16.73 -15.79 -21.50
C ARG B 9 15.31 -15.40 -21.10
N ILE B 10 14.39 -15.42 -22.06
CA ILE B 10 12.97 -15.16 -21.75
C ILE B 10 12.41 -16.43 -21.14
N LYS B 11 11.77 -16.40 -19.99
CA LYS B 11 11.20 -17.59 -19.37
C LYS B 11 9.73 -17.69 -19.75
N SER B 12 9.00 -16.57 -19.68
CA SER B 12 7.59 -16.56 -20.08
C SER B 12 7.29 -15.27 -20.83
N VAL B 13 6.37 -15.31 -21.78
CA VAL B 13 5.96 -14.14 -22.53
C VAL B 13 4.55 -13.71 -22.09
N GLU B 14 4.36 -12.43 -22.35
CA GLU B 14 3.08 -11.77 -22.16
C GLU B 14 2.57 -11.46 -23.56
N THR B 15 1.51 -12.13 -23.97
CA THR B 15 1.01 -11.99 -25.33
C THR B 15 0.37 -10.62 -25.53
N VAL B 16 0.50 -10.17 -26.77
CA VAL B 16 -0.03 -8.92 -27.26
C VAL B 16 -0.91 -9.22 -28.47
N SER B 17 -1.94 -8.39 -28.61
CA SER B 17 -2.88 -8.42 -29.70
C SER B 17 -2.31 -7.91 -31.01
N MET B 18 -1.48 -6.89 -31.09
CA MET B 18 -0.90 -6.51 -32.39
C MET B 18 -1.95 -5.95 -33.37
N ILE B 19 -2.60 -4.86 -33.00
CA ILE B 19 -3.64 -4.29 -33.85
C ILE B 19 -3.06 -3.27 -34.81
N PRO B 20 -3.65 -3.22 -35.99
CA PRO B 20 -3.17 -2.39 -37.08
C PRO B 20 -3.40 -0.91 -36.86
N ARG B 21 -2.68 -0.11 -37.64
CA ARG B 21 -2.71 1.35 -37.55
C ARG B 21 -4.12 1.89 -37.59
N ASP B 22 -4.95 1.39 -38.50
CA ASP B 22 -6.33 1.83 -38.62
C ASP B 22 -7.09 1.57 -37.33
N GLU B 23 -6.93 0.42 -36.70
CA GLU B 23 -7.64 0.12 -35.47
C GLU B 23 -7.05 0.86 -34.28
N ARG B 24 -5.74 1.11 -34.32
CA ARG B 24 -5.07 1.90 -33.32
C ARG B 24 -5.60 3.33 -33.29
N LEU B 25 -5.88 3.89 -34.45
CA LEU B 25 -6.40 5.25 -34.57
C LEU B 25 -7.80 5.39 -34.00
N LYS B 26 -8.63 4.38 -34.20
CA LYS B 26 -9.92 4.34 -33.52
C LYS B 26 -9.71 4.23 -32.02
N LYS B 27 -8.78 3.40 -31.59
CA LYS B 27 -8.48 3.28 -30.16
C LYS B 27 -8.03 4.60 -29.56
N MET B 28 -7.22 5.34 -30.30
CA MET B 28 -6.68 6.62 -29.88
C MET B 28 -7.76 7.70 -29.81
N GLN B 29 -8.64 7.66 -30.81
CA GLN B 29 -9.83 8.49 -30.85
C GLN B 29 -10.76 8.19 -29.69
N GLU B 30 -10.99 6.90 -29.42
CA GLU B 30 -11.85 6.50 -28.31
C GLU B 30 -11.25 6.97 -27.00
N ALA B 31 -9.92 7.11 -26.88
CA ALA B 31 -9.32 7.65 -25.68
C ALA B 31 -9.23 9.17 -25.64
N GLY B 32 -9.78 9.88 -26.62
CA GLY B 32 -9.74 11.32 -26.64
C GLY B 32 -8.35 11.86 -26.92
N TYR B 33 -7.55 11.13 -27.71
CA TYR B 33 -6.18 11.53 -28.00
C TYR B 33 -5.36 11.73 -26.72
N ASN B 34 -5.71 11.05 -25.64
CA ASN B 34 -5.05 11.01 -24.37
C ASN B 34 -4.55 9.58 -24.13
N THR B 35 -3.22 9.43 -24.08
CA THR B 35 -2.64 8.10 -23.94
C THR B 35 -2.86 7.53 -22.56
N PHE B 36 -3.19 8.35 -21.57
CA PHE B 36 -3.51 7.85 -20.25
C PHE B 36 -4.83 7.09 -20.26
N LEU B 37 -5.70 7.36 -21.22
CA LEU B 37 -6.96 6.67 -21.31
C LEU B 37 -6.93 5.41 -22.15
N LEU B 38 -5.89 5.09 -22.89
CA LEU B 38 -5.86 3.86 -23.66
C LEU B 38 -5.91 2.65 -22.74
N ASN B 39 -6.39 1.53 -23.22
CA ASN B 39 -6.30 0.30 -22.43
C ASN B 39 -4.95 -0.39 -22.60
N SER B 40 -4.57 -1.13 -21.57
CA SER B 40 -3.34 -1.90 -21.61
C SER B 40 -3.35 -2.97 -22.69
N LYS B 41 -4.48 -3.66 -22.85
CA LYS B 41 -4.62 -4.68 -23.87
C LYS B 41 -4.41 -4.13 -25.26
N ASP B 42 -4.62 -2.89 -25.60
CA ASP B 42 -4.56 -2.37 -26.95
C ASP B 42 -3.20 -1.78 -27.34
N ILE B 43 -2.26 -1.97 -26.42
CA ILE B 43 -0.92 -1.40 -26.56
C ILE B 43 0.15 -2.45 -26.75
N TYR B 44 0.99 -2.23 -27.75
CA TYR B 44 2.06 -3.20 -28.04
C TYR B 44 3.18 -3.04 -27.00
N ILE B 45 3.70 -1.80 -26.96
CA ILE B 45 4.89 -1.51 -26.18
C ILE B 45 4.56 -0.37 -25.24
N ASP B 46 4.44 -0.63 -23.94
CA ASP B 46 3.91 0.41 -23.04
C ASP B 46 5.07 1.07 -22.33
N LEU B 47 5.42 2.26 -22.80
CA LEU B 47 6.51 3.06 -22.31
C LEU B 47 5.99 4.24 -21.48
N LEU B 48 4.83 4.06 -20.87
CA LEU B 48 4.20 5.10 -20.08
C LEU B 48 5.02 5.40 -18.83
N THR B 49 5.55 4.30 -18.28
CA THR B 49 6.33 4.42 -17.06
C THR B 49 7.27 3.22 -16.93
N ASP B 50 8.30 3.51 -16.14
CA ASP B 50 9.28 2.48 -15.80
C ASP B 50 8.90 1.97 -14.41
N SER B 51 7.74 2.35 -13.89
CA SER B 51 7.40 1.96 -12.54
C SER B 51 6.49 0.75 -12.40
N GLY B 52 6.97 -0.28 -11.71
CA GLY B 52 6.18 -1.44 -11.39
C GLY B 52 5.82 -2.38 -12.51
N THR B 53 6.36 -2.21 -13.70
CA THR B 53 6.04 -3.02 -14.86
C THR B 53 7.23 -3.85 -15.25
N ASN B 54 8.14 -4.05 -14.29
CA ASN B 54 9.35 -4.86 -14.49
C ASN B 54 8.95 -6.32 -14.69
N ALA B 55 9.77 -7.02 -15.45
CA ALA B 55 9.57 -8.48 -15.59
C ALA B 55 10.39 -9.14 -14.48
N MET B 56 9.77 -10.05 -13.72
CA MET B 56 10.50 -10.72 -12.64
C MET B 56 11.26 -11.94 -13.14
N SER B 57 12.21 -12.39 -12.31
CA SER B 57 12.97 -13.57 -12.73
C SER B 57 12.18 -14.81 -12.31
N ASP B 58 12.64 -15.95 -12.81
CA ASP B 58 12.13 -17.23 -12.33
C ASP B 58 12.40 -17.42 -10.84
N LYS B 59 13.51 -16.96 -10.27
CA LYS B 59 13.77 -17.03 -8.83
C LYS B 59 12.78 -16.18 -8.04
N GLN B 60 12.46 -15.00 -8.59
CA GLN B 60 11.51 -14.09 -7.94
C GLN B 60 10.14 -14.76 -7.88
N TRP B 61 9.75 -15.45 -8.96
CA TRP B 61 8.48 -16.17 -8.98
C TRP B 61 8.50 -17.41 -8.12
N ALA B 62 9.65 -18.07 -7.92
CA ALA B 62 9.72 -19.12 -6.90
C ALA B 62 9.57 -18.49 -5.51
N GLY B 63 9.92 -17.20 -5.35
CA GLY B 63 9.72 -16.57 -4.04
C GLY B 63 8.21 -16.36 -3.91
N MET B 64 7.56 -16.04 -5.05
CA MET B 64 6.14 -15.70 -5.00
C MET B 64 5.32 -16.82 -4.43
N MET B 65 5.71 -18.08 -4.56
CA MET B 65 4.96 -19.19 -3.99
C MET B 65 5.36 -19.53 -2.57
N MET B 66 6.32 -18.82 -2.01
CA MET B 66 6.78 -19.12 -0.65
C MET B 66 6.40 -18.02 0.32
N GLY B 67 5.34 -17.30 -0.03
CA GLY B 67 4.86 -16.18 0.77
C GLY B 67 4.32 -16.73 2.10
N ASP B 68 5.03 -16.34 3.15
CA ASP B 68 4.62 -16.68 4.52
C ASP B 68 3.82 -15.44 4.89
N GLU B 69 2.53 -15.61 5.05
CA GLU B 69 1.66 -14.45 5.21
C GLU B 69 1.30 -14.19 6.67
N ALA B 70 2.17 -14.55 7.62
CA ALA B 70 1.91 -14.17 9.01
C ALA B 70 1.84 -12.66 9.11
N TYR B 71 1.07 -12.11 10.04
CA TYR B 71 0.98 -10.66 10.25
C TYR B 71 2.28 -10.09 10.79
N ALA B 72 2.98 -10.93 11.51
CA ALA B 72 4.20 -10.59 12.24
C ALA B 72 5.03 -11.88 12.23
N GLY B 73 6.32 -11.77 11.96
CA GLY B 73 7.27 -12.85 12.14
C GLY B 73 7.53 -13.59 10.84
N SER B 74 7.04 -13.00 9.75
CA SER B 74 7.11 -13.71 8.48
C SER B 74 8.56 -13.82 8.02
N GLU B 75 8.98 -15.00 7.58
CA GLU B 75 10.28 -15.19 6.99
C GLU B 75 10.53 -14.28 5.81
N ASN B 76 9.53 -13.95 5.02
CA ASN B 76 9.71 -12.93 3.99
C ASN B 76 10.15 -11.59 4.56
N PHE B 77 9.58 -11.12 5.69
CA PHE B 77 10.01 -9.84 6.24
C PHE B 77 11.48 -9.94 6.63
N TYR B 78 11.87 -11.04 7.24
CA TYR B 78 13.23 -11.25 7.73
C TYR B 78 14.24 -11.23 6.61
N HIS B 79 13.93 -11.93 5.53
CA HIS B 79 14.80 -11.94 4.35
C HIS B 79 14.88 -10.57 3.69
N LEU B 80 13.80 -9.79 3.64
CA LEU B 80 13.91 -8.45 3.07
C LEU B 80 14.76 -7.56 3.97
N GLU B 81 14.54 -7.60 5.28
CA GLU B 81 15.27 -6.77 6.22
C GLU B 81 16.77 -6.98 6.03
N ARG B 82 17.14 -8.25 6.10
CA ARG B 82 18.49 -8.71 5.90
C ARG B 82 19.14 -8.18 4.62
N THR B 83 18.48 -8.41 3.48
CA THR B 83 19.05 -8.01 2.19
C THR B 83 19.32 -6.51 2.19
N VAL B 84 18.34 -5.73 2.61
CA VAL B 84 18.47 -4.28 2.64
C VAL B 84 19.55 -3.83 3.61
N GLN B 85 19.63 -4.43 4.79
CA GLN B 85 20.70 -4.18 5.75
C GLN B 85 22.04 -4.52 5.14
N GLU B 86 22.20 -5.75 4.69
CA GLU B 86 23.43 -6.12 4.00
C GLU B 86 23.84 -5.21 2.84
N LEU B 87 22.91 -4.83 1.96
CA LEU B 87 23.26 -4.21 0.68
C LEU B 87 23.36 -2.70 0.79
N PHE B 88 22.42 -2.09 1.50
CA PHE B 88 22.35 -0.63 1.63
C PHE B 88 23.06 -0.15 2.88
N GLY B 89 23.10 -1.01 3.89
CA GLY B 89 23.73 -0.71 5.16
C GLY B 89 22.93 0.15 6.09
N PHE B 90 21.62 0.33 5.98
CA PHE B 90 20.89 1.08 6.99
C PHE B 90 20.59 0.16 8.15
N LYS B 91 20.69 0.66 9.37
CA LYS B 91 20.43 -0.06 10.61
C LYS B 91 19.02 -0.64 10.61
N HIS B 92 18.02 0.23 10.48
CA HIS B 92 16.62 -0.23 10.53
C HIS B 92 15.96 -0.12 9.16
N ILE B 93 14.83 -0.81 9.01
CA ILE B 93 14.12 -0.76 7.74
C ILE B 93 12.65 -1.09 7.92
N VAL B 94 11.79 -0.19 7.46
CA VAL B 94 10.35 -0.37 7.53
C VAL B 94 9.81 -0.54 6.12
N PRO B 95 9.19 -1.66 5.83
CA PRO B 95 8.53 -1.93 4.56
C PRO B 95 7.33 -1.02 4.35
N THR B 96 7.06 -0.59 3.13
CA THR B 96 5.90 0.24 2.83
C THR B 96 5.33 -0.23 1.49
N HIS B 97 4.07 0.06 1.18
CA HIS B 97 3.48 -0.45 -0.06
C HIS B 97 4.21 0.06 -1.28
N GLN B 98 4.64 1.32 -1.32
CA GLN B 98 5.50 1.79 -2.39
C GLN B 98 6.32 2.98 -1.91
N GLY B 99 6.96 3.70 -2.82
CA GLY B 99 7.85 4.78 -2.46
C GLY B 99 7.10 5.90 -1.76
N ARG B 100 5.92 6.25 -2.29
CA ARG B 100 5.18 7.34 -1.65
C ARG B 100 4.69 7.01 -0.26
N GLY B 101 4.59 5.76 0.15
CA GLY B 101 4.26 5.40 1.54
C GLY B 101 5.43 5.70 2.47
N ALA B 102 6.65 5.50 2.00
CA ALA B 102 7.83 5.81 2.82
C ALA B 102 7.99 7.33 2.95
N GLU B 103 7.77 8.02 1.85
CA GLU B 103 7.84 9.49 1.80
C GLU B 103 6.95 10.13 2.84
N ASN B 104 5.67 9.77 2.83
CA ASN B 104 4.70 10.20 3.83
C ASN B 104 5.24 10.06 5.24
N LEU B 105 5.77 8.90 5.62
CA LEU B 105 6.41 8.71 6.91
C LEU B 105 7.65 9.57 7.12
N LEU B 106 8.56 9.62 6.14
CA LEU B 106 9.75 10.42 6.39
C LEU B 106 9.41 11.88 6.65
N SER B 107 8.45 12.46 5.93
CA SER B 107 8.10 13.86 6.06
C SER B 107 7.34 14.18 7.34
N GLN B 108 6.63 13.22 7.91
CA GLN B 108 5.94 13.47 9.16
C GLN B 108 6.93 13.40 10.32
N LEU B 109 7.91 12.52 10.20
CA LEU B 109 8.92 12.37 11.21
C LEU B 109 10.09 13.35 11.14
N ALA B 110 10.37 14.07 10.06
CA ALA B 110 11.65 14.79 10.06
C ALA B 110 11.53 16.27 9.73
N ILE B 111 10.30 16.75 9.63
CA ILE B 111 10.06 18.16 9.29
C ILE B 111 9.35 18.88 10.42
N LYS B 112 9.85 20.02 10.87
CA LYS B 112 9.03 20.91 11.72
C LYS B 112 8.57 22.02 10.78
N PRO B 113 7.30 22.37 10.82
CA PRO B 113 6.71 23.43 10.03
C PRO B 113 7.62 24.65 9.93
N GLY B 114 7.81 25.13 8.70
CA GLY B 114 8.64 26.29 8.46
C GLY B 114 10.11 25.93 8.31
N GLN B 115 10.47 24.65 8.41
CA GLN B 115 11.86 24.29 8.16
C GLN B 115 12.02 24.18 6.65
N TYR B 116 13.26 24.26 6.19
CA TYR B 116 13.49 24.11 4.75
C TYR B 116 13.88 22.68 4.46
N VAL B 117 13.43 22.14 3.33
CA VAL B 117 13.96 20.90 2.79
C VAL B 117 14.64 21.25 1.46
N ALA B 118 15.93 20.96 1.34
CA ALA B 118 16.64 21.27 0.09
C ALA B 118 17.11 20.00 -0.62
N GLY B 119 16.86 19.92 -1.93
CA GLY B 119 17.33 18.77 -2.68
C GLY B 119 17.77 19.11 -4.09
N ASN B 120 18.18 18.08 -4.82
CA ASN B 120 18.57 18.27 -6.22
C ASN B 120 17.33 18.08 -7.09
N MET B 121 16.63 19.19 -7.33
CA MET B 121 15.36 19.16 -8.03
C MET B 121 14.42 18.29 -7.21
N TYR B 122 13.20 18.12 -7.71
CA TYR B 122 12.21 17.41 -6.90
C TYR B 122 11.48 16.39 -7.76
N PHE B 123 10.74 15.56 -7.04
CA PHE B 123 9.79 14.63 -7.64
C PHE B 123 8.42 14.88 -7.01
N THR B 124 7.35 14.82 -7.78
CA THR B 124 6.03 15.23 -7.31
C THR B 124 5.60 14.74 -5.95
N THR B 125 5.54 13.42 -5.76
CA THR B 125 5.08 12.87 -4.50
C THR B 125 6.00 13.27 -3.35
N THR B 126 7.30 13.33 -3.56
CA THR B 126 8.24 13.73 -2.51
C THR B 126 8.04 15.16 -2.06
N ARG B 127 7.95 16.13 -2.98
CA ARG B 127 7.74 17.53 -2.68
C ARG B 127 6.42 17.75 -1.96
N TYR B 128 5.37 17.11 -2.49
CA TYR B 128 4.09 17.09 -1.83
C TYR B 128 4.22 16.77 -0.34
N HIS B 129 4.82 15.62 -0.01
CA HIS B 129 4.88 15.22 1.39
C HIS B 129 5.72 16.17 2.22
N GLN B 130 6.81 16.72 1.66
CA GLN B 130 7.52 17.74 2.43
C GLN B 130 6.63 18.95 2.68
N GLU B 131 6.10 19.51 1.60
CA GLU B 131 5.30 20.70 1.61
C GLU B 131 4.07 20.56 2.48
N LYS B 132 3.34 19.46 2.36
CA LYS B 132 2.18 19.20 3.21
C LYS B 132 2.56 19.15 4.68
N ASN B 133 3.79 18.82 5.04
CA ASN B 133 4.23 18.85 6.42
C ASN B 133 4.87 20.13 6.89
N GLY B 134 4.87 21.21 6.11
CA GLY B 134 5.32 22.51 6.59
C GLY B 134 6.65 22.97 6.02
N ALA B 135 7.33 22.13 5.26
CA ALA B 135 8.66 22.46 4.77
C ALA B 135 8.57 23.47 3.63
N VAL B 136 9.63 24.24 3.43
CA VAL B 136 9.77 25.03 2.21
C VAL B 136 10.82 24.29 1.38
N PHE B 137 10.54 23.92 0.15
CA PHE B 137 11.53 23.17 -0.63
C PHE B 137 12.49 24.14 -1.32
N VAL B 138 13.79 23.85 -1.29
CA VAL B 138 14.75 24.68 -2.01
C VAL B 138 15.53 23.81 -3.03
N ASP B 139 15.51 24.16 -4.30
CA ASP B 139 16.29 23.42 -5.31
C ASP B 139 17.76 23.82 -5.28
N ILE B 140 18.66 22.94 -4.88
CA ILE B 140 20.09 23.26 -4.86
C ILE B 140 20.88 22.43 -5.85
N VAL B 141 20.23 22.01 -6.94
CA VAL B 141 20.92 21.32 -8.03
C VAL B 141 21.85 22.29 -8.76
N ARG B 142 22.88 21.76 -9.44
CA ARG B 142 23.72 22.61 -10.27
C ARG B 142 22.83 23.35 -11.26
N ASP B 143 23.22 24.54 -11.73
CA ASP B 143 22.43 25.24 -12.72
C ASP B 143 22.38 24.47 -14.03
N GLU B 144 23.43 23.76 -14.37
CA GLU B 144 23.55 23.03 -15.62
C GLU B 144 22.47 21.97 -15.80
N ALA B 145 21.95 21.37 -14.74
CA ALA B 145 20.87 20.40 -14.83
C ALA B 145 19.63 20.93 -15.54
N HIS B 146 19.33 22.20 -15.38
CA HIS B 146 18.19 22.88 -16.00
C HIS B 146 18.33 23.19 -17.48
N ASP B 147 19.54 23.15 -18.00
CA ASP B 147 19.73 23.29 -19.45
C ASP B 147 19.54 21.90 -20.02
N ALA B 148 18.45 21.68 -20.76
CA ALA B 148 18.09 20.35 -21.20
C ALA B 148 18.88 19.83 -22.39
N GLY B 149 19.71 20.64 -23.01
CA GLY B 149 20.51 20.20 -24.14
C GLY B 149 21.99 20.10 -23.80
N LEU B 150 22.38 20.68 -22.66
CA LEU B 150 23.77 20.60 -22.24
C LEU B 150 24.12 19.14 -21.96
N ASN B 151 25.06 18.62 -22.75
CA ASN B 151 25.51 17.25 -22.53
C ASN B 151 26.71 17.27 -21.59
N ILE B 152 26.49 17.27 -20.29
CA ILE B 152 27.57 17.07 -19.34
C ILE B 152 27.27 15.84 -18.49
N ALA B 153 28.27 15.30 -17.82
CA ALA B 153 28.14 14.13 -16.97
C ALA B 153 27.75 14.56 -15.56
N PHE B 154 27.12 13.65 -14.83
CA PHE B 154 26.72 13.87 -13.46
C PHE B 154 25.98 15.18 -13.31
N LYS B 155 24.95 15.33 -14.12
CA LYS B 155 24.15 16.54 -14.17
C LYS B 155 23.24 16.71 -12.97
N GLY B 156 23.09 15.71 -12.11
CA GLY B 156 22.17 15.78 -10.97
C GLY B 156 22.89 16.18 -9.69
N ASP B 157 24.17 16.48 -9.78
CA ASP B 157 24.92 16.84 -8.58
C ASP B 157 24.33 18.10 -7.98
N ILE B 158 24.49 18.21 -6.67
CA ILE B 158 24.12 19.41 -5.92
C ILE B 158 25.23 20.44 -6.00
N ASP B 159 24.81 21.70 -6.09
CA ASP B 159 25.75 22.81 -6.03
C ASP B 159 26.15 22.92 -4.57
N LEU B 160 27.40 22.63 -4.22
CA LEU B 160 27.81 22.79 -2.82
C LEU B 160 27.77 24.27 -2.43
N LYS B 161 28.02 25.15 -3.39
CA LYS B 161 27.93 26.59 -3.21
C LYS B 161 26.50 27.03 -2.96
N LYS B 162 25.46 26.44 -3.58
CA LYS B 162 24.10 26.83 -3.15
C LYS B 162 23.79 26.20 -1.80
N LEU B 163 24.39 25.05 -1.54
CA LEU B 163 24.24 24.36 -0.27
C LEU B 163 24.71 25.21 0.89
N GLN B 164 25.90 25.77 0.77
CA GLN B 164 26.54 26.62 1.76
C GLN B 164 25.75 27.89 2.07
N LYS B 165 25.30 28.58 1.02
CA LYS B 165 24.58 29.83 1.19
C LYS B 165 23.24 29.57 1.85
N LEU B 166 22.60 28.45 1.53
CA LEU B 166 21.38 28.07 2.24
C LEU B 166 21.57 27.93 3.75
N ILE B 167 22.64 27.27 4.17
CA ILE B 167 22.97 27.21 5.58
C ILE B 167 23.34 28.59 6.14
N ASP B 168 24.25 29.33 5.51
CA ASP B 168 24.58 30.67 5.97
C ASP B 168 23.28 31.48 6.11
N GLU B 169 22.62 31.78 5.00
CA GLU B 169 21.44 32.61 4.95
C GLU B 169 20.30 32.14 5.83
N LYS B 170 20.00 30.84 5.88
CA LYS B 170 18.83 30.34 6.58
C LYS B 170 19.09 29.74 7.95
N GLY B 171 20.29 29.20 8.18
CA GLY B 171 20.58 28.56 9.47
C GLY B 171 20.37 27.05 9.41
N ALA B 172 21.39 26.30 9.80
CA ALA B 172 21.36 24.84 9.84
C ALA B 172 20.21 24.32 10.67
N GLU B 173 19.93 25.00 11.76
CA GLU B 173 18.82 24.78 12.67
C GLU B 173 17.48 24.66 11.96
N ASN B 174 17.24 25.47 10.94
CA ASN B 174 15.94 25.55 10.28
C ASN B 174 15.87 24.75 8.99
N ILE B 175 16.94 24.00 8.71
CA ILE B 175 17.01 23.08 7.58
C ILE B 175 16.62 21.68 8.09
N ALA B 176 15.44 21.20 7.72
CA ALA B 176 14.95 19.89 8.14
C ALA B 176 15.82 18.70 7.71
N TYR B 177 16.01 18.53 6.40
CA TYR B 177 17.00 17.61 5.88
C TYR B 177 17.30 17.90 4.41
N ILE B 178 18.39 17.26 3.98
CA ILE B 178 18.79 17.36 2.57
C ILE B 178 18.16 16.16 1.85
N CYS B 179 17.37 16.41 0.81
CA CYS B 179 16.76 15.28 0.11
C CYS B 179 17.54 14.96 -1.16
N LEU B 180 18.48 14.03 -1.05
CA LEU B 180 19.31 13.79 -2.24
C LEU B 180 18.73 12.64 -3.06
N ALA B 181 18.35 12.93 -4.31
CA ALA B 181 17.77 11.92 -5.18
C ALA B 181 18.76 11.38 -6.21
N VAL B 182 18.74 10.09 -6.42
CA VAL B 182 19.55 9.39 -7.41
C VAL B 182 18.65 8.41 -8.15
N THR B 183 18.45 8.53 -9.43
CA THR B 183 18.98 9.57 -10.29
C THR B 183 18.06 10.78 -10.20
N VAL B 184 18.35 11.85 -10.94
CA VAL B 184 17.46 13.02 -10.91
C VAL B 184 16.47 12.91 -12.06
N ASN B 185 15.27 12.50 -11.67
CA ASN B 185 14.19 12.28 -12.62
C ASN B 185 13.89 13.49 -13.49
N LEU B 186 13.69 14.64 -12.87
CA LEU B 186 13.32 15.87 -13.53
C LEU B 186 14.30 16.36 -14.57
N ALA B 187 15.60 16.05 -14.40
CA ALA B 187 16.59 16.43 -15.40
C ALA B 187 16.69 15.36 -16.48
N GLY B 188 15.90 14.29 -16.36
CA GLY B 188 15.84 13.28 -17.41
C GLY B 188 16.50 12.00 -16.96
N GLY B 189 16.67 11.80 -15.66
CA GLY B 189 17.27 10.61 -15.09
C GLY B 189 18.77 10.76 -14.98
N GLN B 190 19.26 11.91 -14.54
CA GLN B 190 20.70 12.19 -14.51
C GLN B 190 21.29 11.70 -13.19
N PRO B 191 22.49 11.15 -13.27
CA PRO B 191 23.23 10.60 -12.16
C PRO B 191 23.89 11.61 -11.23
N VAL B 192 24.11 11.22 -9.98
CA VAL B 192 24.82 12.01 -8.98
C VAL B 192 26.17 11.30 -8.76
N SER B 193 27.27 11.99 -8.85
CA SER B 193 28.61 11.42 -8.71
C SER B 193 28.81 11.02 -7.26
N MET B 194 29.79 10.19 -6.96
CA MET B 194 30.04 9.77 -5.58
C MET B 194 30.73 10.88 -4.81
N ALA B 195 31.61 11.59 -5.53
CA ALA B 195 32.25 12.79 -4.98
C ALA B 195 31.20 13.79 -4.51
N ASN B 196 30.16 14.01 -5.33
CA ASN B 196 29.10 14.92 -4.98
C ASN B 196 28.42 14.51 -3.69
N MET B 197 28.13 13.23 -3.56
CA MET B 197 27.52 12.65 -2.38
C MET B 197 28.40 12.68 -1.14
N ARG B 198 29.71 12.53 -1.34
CA ARG B 198 30.64 12.61 -0.20
C ARG B 198 30.79 14.05 0.28
N ALA B 199 30.80 14.98 -0.68
CA ALA B 199 30.95 16.39 -0.36
C ALA B 199 29.74 16.85 0.45
N VAL B 200 28.54 16.50 -0.07
CA VAL B 200 27.29 16.86 0.57
C VAL B 200 27.20 16.36 2.00
N ARG B 201 27.68 15.14 2.25
CA ARG B 201 27.67 14.57 3.59
C ARG B 201 28.65 15.25 4.53
N GLU B 202 29.82 15.67 4.06
CA GLU B 202 30.76 16.34 4.95
C GLU B 202 30.28 17.74 5.28
N LEU B 203 29.72 18.46 4.31
CA LEU B 203 29.15 19.76 4.61
C LEU B 203 28.00 19.67 5.61
N THR B 204 27.05 18.77 5.36
CA THR B 204 25.88 18.65 6.23
C THR B 204 26.21 18.10 7.60
N ALA B 205 27.16 17.16 7.64
CA ALA B 205 27.61 16.64 8.92
C ALA B 205 28.20 17.77 9.77
N ALA B 206 29.09 18.57 9.22
CA ALA B 206 29.66 19.71 9.91
C ALA B 206 28.61 20.55 10.62
N HIS B 207 27.53 20.90 9.95
CA HIS B 207 26.46 21.72 10.51
C HIS B 207 25.33 20.94 11.14
N GLY B 208 25.52 19.68 11.52
CA GLY B 208 24.50 18.85 12.12
C GLY B 208 23.30 18.54 11.25
N ILE B 209 23.34 18.65 9.93
CA ILE B 209 22.20 18.48 9.07
C ILE B 209 22.06 17.06 8.53
N LYS B 210 20.83 16.57 8.54
CA LYS B 210 20.53 15.22 8.07
C LYS B 210 20.29 15.14 6.57
N VAL B 211 20.67 13.97 6.03
CA VAL B 211 20.53 13.72 4.60
C VAL B 211 19.76 12.42 4.36
N PHE B 212 18.67 12.52 3.60
CA PHE B 212 17.84 11.38 3.24
C PHE B 212 17.74 11.22 1.73
N TYR B 213 18.01 9.98 1.30
CA TYR B 213 18.06 9.74 -0.14
C TYR B 213 16.70 9.35 -0.66
N ASP B 214 16.34 9.94 -1.79
CA ASP B 214 15.24 9.49 -2.63
C ASP B 214 15.94 8.51 -3.59
N ALA B 215 16.04 7.26 -3.18
CA ALA B 215 16.88 6.32 -3.92
C ALA B 215 16.12 5.48 -4.92
N THR B 216 15.00 5.93 -5.51
CA THR B 216 14.24 5.05 -6.38
C THR B 216 15.08 4.44 -7.48
N ARG B 217 16.02 5.16 -8.10
CA ARG B 217 16.79 4.58 -9.20
C ARG B 217 18.27 4.60 -8.83
N CYS B 218 18.58 4.06 -7.65
CA CYS B 218 19.93 4.09 -7.10
C CYS B 218 20.87 3.16 -7.84
N VAL B 219 20.30 2.13 -8.46
CA VAL B 219 21.08 1.10 -9.14
C VAL B 219 21.42 1.55 -10.55
N GLU B 220 20.51 2.36 -11.14
CA GLU B 220 20.89 3.01 -12.39
C GLU B 220 21.94 4.07 -12.07
N ASN B 221 21.86 4.71 -10.91
CA ASN B 221 22.86 5.70 -10.55
C ASN B 221 24.24 5.07 -10.39
N ALA B 222 24.24 3.92 -9.70
CA ALA B 222 25.47 3.20 -9.44
C ALA B 222 26.12 2.79 -10.74
N TYR B 223 25.36 2.43 -11.78
CA TYR B 223 25.96 2.11 -13.05
C TYR B 223 26.70 3.34 -13.59
N PHE B 224 26.10 4.52 -13.56
CA PHE B 224 26.80 5.68 -14.10
C PHE B 224 28.13 5.90 -13.40
N ILE B 225 28.15 5.88 -12.06
CA ILE B 225 29.39 6.02 -11.30
C ILE B 225 30.44 5.02 -11.79
N LYS B 226 30.03 3.75 -11.87
CA LYS B 226 30.90 2.73 -12.40
C LYS B 226 31.34 3.03 -13.82
N GLU B 227 30.42 3.44 -14.68
CA GLU B 227 30.79 3.71 -16.07
C GLU B 227 31.64 4.97 -16.16
N GLN B 228 31.35 6.01 -15.40
CA GLN B 228 31.94 7.31 -15.69
C GLN B 228 32.77 7.98 -14.63
N GLU B 229 32.75 7.63 -13.36
CA GLU B 229 33.60 8.30 -12.38
C GLU B 229 34.97 7.68 -12.24
N GLN B 230 36.06 8.44 -12.34
CA GLN B 230 37.40 7.87 -12.20
C GLN B 230 37.46 7.18 -10.84
N GLY B 231 38.04 5.99 -10.77
CA GLY B 231 38.26 5.39 -9.46
C GLY B 231 37.31 4.27 -9.16
N PHE B 232 36.20 4.16 -9.89
CA PHE B 232 35.24 3.10 -9.60
C PHE B 232 35.27 2.00 -10.63
N GLU B 233 36.35 1.91 -11.39
CA GLU B 233 36.44 0.91 -12.43
C GLU B 233 36.63 -0.48 -11.83
N ASN B 234 37.28 -0.62 -10.68
CA ASN B 234 37.47 -1.92 -10.04
C ASN B 234 36.44 -2.22 -8.96
N LYS B 235 35.44 -1.34 -8.83
CA LYS B 235 34.39 -1.54 -7.85
C LYS B 235 33.20 -2.26 -8.48
N SER B 236 32.51 -3.03 -7.66
CA SER B 236 31.29 -3.71 -8.13
C SER B 236 30.09 -2.82 -7.85
N ILE B 237 29.00 -3.12 -8.53
CA ILE B 237 27.76 -2.37 -8.37
C ILE B 237 27.32 -2.42 -6.91
N ALA B 238 27.38 -3.61 -6.30
CA ALA B 238 27.07 -3.72 -4.87
C ALA B 238 27.97 -2.91 -3.95
N GLU B 239 29.26 -2.79 -4.20
CA GLU B 239 30.17 -1.89 -3.53
C GLU B 239 29.78 -0.43 -3.77
N ILE B 240 29.51 -0.05 -5.03
CA ILE B 240 29.10 1.33 -5.28
C ILE B 240 27.81 1.67 -4.56
N VAL B 241 26.84 0.76 -4.57
CA VAL B 241 25.58 1.03 -3.88
C VAL B 241 25.77 1.18 -2.39
N HIS B 242 26.61 0.34 -1.78
CA HIS B 242 26.80 0.40 -0.33
C HIS B 242 27.58 1.62 0.13
N GLU B 243 28.53 2.10 -0.68
CA GLU B 243 29.23 3.34 -0.44
C GLU B 243 28.28 4.52 -0.59
N MET B 244 27.44 4.49 -1.64
CA MET B 244 26.46 5.54 -1.83
C MET B 244 25.63 5.77 -0.57
N PHE B 245 25.15 4.67 0.02
CA PHE B 245 24.27 4.82 1.16
C PHE B 245 25.02 5.16 2.44
N SER B 246 26.34 4.95 2.47
CA SER B 246 27.11 5.42 3.61
C SER B 246 27.07 6.93 3.71
N TYR B 247 26.86 7.75 2.68
CA TYR B 247 26.76 9.19 2.87
C TYR B 247 25.36 9.68 3.16
N ALA B 248 24.49 8.83 3.70
CA ALA B 248 23.08 9.15 3.95
C ALA B 248 22.60 8.69 5.32
N ASP B 249 21.61 9.39 5.90
CA ASP B 249 21.13 8.94 7.20
C ASP B 249 20.01 7.92 7.03
N GLY B 250 19.38 7.94 5.87
CA GLY B 250 18.28 7.00 5.60
C GLY B 250 17.83 7.16 4.16
N CYS B 251 16.72 6.53 3.78
CA CYS B 251 16.19 6.78 2.44
C CYS B 251 14.78 6.23 2.25
N THR B 252 14.09 6.85 1.31
CA THR B 252 12.81 6.26 0.89
C THR B 252 13.08 5.53 -0.44
N MET B 253 12.65 4.27 -0.53
CA MET B 253 12.97 3.53 -1.76
C MET B 253 11.70 3.03 -2.40
N SER B 254 11.65 3.03 -3.71
CA SER B 254 10.48 2.43 -4.38
C SER B 254 10.99 1.24 -5.18
N GLY B 255 10.68 0.06 -4.65
CA GLY B 255 11.05 -1.19 -5.26
C GLY B 255 10.57 -1.28 -6.70
N LYS B 256 9.42 -0.68 -6.96
CA LYS B 256 8.86 -0.62 -8.29
C LYS B 256 9.88 -0.06 -9.27
N1 LLP B 257 10.93 9.69 -6.20
C2 LLP B 257 11.40 9.47 -7.46
C2' LLP B 257 12.65 10.22 -7.93
C3 LLP B 257 10.70 8.55 -8.25
O3 LLP B 257 11.02 8.21 -9.45
C4 LLP B 257 9.54 7.90 -7.71
C4' LLP B 257 8.80 6.93 -8.53
C5 LLP B 257 9.12 8.19 -6.38
C6 LLP B 257 9.84 9.11 -5.62
C5' LLP B 257 7.89 7.52 -5.81
OP4 LLP B 257 7.71 6.15 -6.10
P LLP B 257 6.38 5.30 -5.92
OP1 LLP B 257 6.79 3.97 -5.35
OP2 LLP B 257 5.65 5.11 -7.21
OP3 LLP B 257 5.45 5.95 -4.94
N LLP B 257 10.81 0.80 -8.86
CA LLP B 257 11.88 1.25 -9.75
CB LLP B 257 12.35 2.66 -9.46
CG LLP B 257 11.47 3.75 -10.08
CD LLP B 257 10.04 3.71 -9.58
CE LLP B 257 9.26 4.95 -10.01
NZ LLP B 257 9.55 6.03 -9.06
C LLP B 257 13.00 0.22 -9.75
O LLP B 257 12.75 -0.90 -10.26
N ASP B 258 14.17 0.47 -9.16
CA ASP B 258 15.28 -0.45 -9.38
C ASP B 258 15.19 -1.76 -8.62
N CYS B 259 14.11 -2.04 -7.87
CA CYS B 259 14.10 -3.35 -7.20
C CYS B 259 13.54 -4.47 -8.06
N LEU B 260 13.16 -4.19 -9.30
CA LEU B 260 12.66 -5.18 -10.23
C LEU B 260 11.38 -5.87 -9.77
N VAL B 261 10.47 -5.22 -9.12
CA VAL B 261 9.22 -5.83 -8.68
C VAL B 261 8.08 -4.95 -9.19
N ASN B 262 6.87 -5.46 -8.98
CA ASN B 262 5.69 -4.75 -9.47
C ASN B 262 5.02 -3.96 -8.35
N ILE B 263 5.57 -3.96 -7.14
CA ILE B 263 5.02 -3.25 -6.00
C ILE B 263 5.96 -3.37 -4.82
N GLY B 264 5.89 -2.44 -3.85
CA GLY B 264 6.75 -2.51 -2.68
C GLY B 264 7.69 -1.31 -2.66
N GLY B 265 7.95 -0.86 -1.44
CA GLY B 265 8.95 0.21 -1.22
C GLY B 265 9.39 0.00 0.23
N PHE B 266 10.26 0.88 0.71
CA PHE B 266 10.62 0.81 2.13
C PHE B 266 11.21 2.16 2.52
N LEU B 267 11.28 2.31 3.82
CA LEU B 267 11.91 3.47 4.44
C LEU B 267 13.13 2.96 5.19
N CYS B 268 14.32 3.52 5.03
CA CYS B 268 15.41 3.07 5.92
C CYS B 268 15.92 4.22 6.78
N MET B 269 16.39 3.94 7.98
CA MET B 269 17.07 5.00 8.74
C MET B 269 18.02 4.35 9.73
N ASN B 270 19.00 5.09 10.24
CA ASN B 270 19.87 4.54 11.27
C ASN B 270 19.42 5.04 12.64
N ASP B 271 18.57 6.06 12.69
CA ASP B 271 18.18 6.57 14.00
C ASP B 271 17.21 5.64 14.73
N ASP B 272 17.66 5.09 15.86
CA ASP B 272 16.77 4.31 16.70
C ASP B 272 15.58 5.14 17.19
N GLU B 273 15.79 6.39 17.58
CA GLU B 273 14.68 7.23 18.02
C GLU B 273 13.67 7.41 16.89
N MET B 274 14.11 7.80 15.70
CA MET B 274 13.23 8.01 14.56
C MET B 274 12.44 6.74 14.24
N PHE B 275 13.17 5.63 14.26
CA PHE B 275 12.64 4.31 14.00
C PHE B 275 11.49 3.92 14.91
N SER B 276 11.58 4.19 16.21
CA SER B 276 10.45 3.98 17.11
C SER B 276 9.28 4.88 16.75
N SER B 277 9.53 6.15 16.40
CA SER B 277 8.43 6.98 15.91
C SER B 277 7.91 6.47 14.57
N ALA B 278 8.75 5.95 13.69
CA ALA B 278 8.31 5.41 12.41
C ALA B 278 7.32 4.25 12.59
N LYS B 279 7.64 3.39 13.55
CA LYS B 279 6.84 2.22 13.85
C LYS B 279 5.41 2.56 14.24
N GLU B 280 5.20 3.57 15.08
CA GLU B 280 3.82 3.91 15.45
C GLU B 280 3.09 4.48 14.26
N LEU B 281 3.71 5.35 13.47
CA LEU B 281 3.08 5.97 12.32
C LEU B 281 2.88 4.99 11.17
N VAL B 282 3.69 3.93 11.10
CA VAL B 282 3.52 2.93 10.06
C VAL B 282 2.20 2.17 10.19
N VAL B 283 1.75 1.85 11.40
CA VAL B 283 0.51 1.11 11.54
C VAL B 283 -0.73 1.85 11.09
N VAL B 284 -0.81 3.18 11.15
CA VAL B 284 -2.01 3.85 10.66
C VAL B 284 -2.05 3.92 9.14
N TYR B 285 -0.90 4.17 8.50
CA TYR B 285 -0.93 4.42 7.05
C TYR B 285 -0.70 3.17 6.22
N GLU B 286 0.08 2.17 6.67
CA GLU B 286 0.45 1.08 5.78
C GLU B 286 0.10 -0.31 6.29
N GLY B 287 0.41 -0.58 7.55
CA GLY B 287 0.20 -1.86 8.21
C GLY B 287 1.31 -2.09 9.23
N MET B 288 1.36 -3.18 9.97
CA MET B 288 2.37 -3.31 11.03
C MET B 288 3.77 -3.11 10.44
N PRO B 289 4.71 -2.82 11.33
CA PRO B 289 6.13 -2.73 11.03
C PRO B 289 6.67 -3.99 10.37
N SER B 290 6.10 -5.15 10.66
CA SER B 290 6.44 -6.44 10.11
C SER B 290 5.98 -6.72 8.68
N TYR B 291 5.14 -5.86 8.08
CA TYR B 291 4.74 -6.15 6.71
C TYR B 291 4.46 -4.88 5.94
N GLY B 292 4.19 -3.78 6.62
CA GLY B 292 4.10 -2.48 5.95
C GLY B 292 3.26 -2.42 4.71
N GLY B 293 2.06 -3.04 4.69
CA GLY B 293 1.15 -2.89 3.56
C GLY B 293 1.53 -3.74 2.37
N LEU B 294 2.32 -4.77 2.65
CA LEU B 294 2.85 -5.66 1.62
C LEU B 294 2.49 -7.09 1.95
N ALA B 295 2.15 -7.86 0.94
CA ALA B 295 1.94 -9.31 1.18
C ALA B 295 3.32 -9.91 1.35
N GLY B 296 3.51 -10.95 2.12
CA GLY B 296 4.78 -11.61 2.36
C GLY B 296 5.54 -11.95 1.10
N ARG B 297 4.91 -12.51 0.09
CA ARG B 297 5.52 -12.89 -1.18
C ARG B 297 6.10 -11.71 -1.93
N ASP B 298 5.53 -10.53 -1.69
CA ASP B 298 6.07 -9.28 -2.23
C ASP B 298 7.29 -8.84 -1.47
N MET B 299 7.38 -9.02 -0.15
CA MET B 299 8.66 -8.73 0.53
C MET B 299 9.75 -9.66 0.01
N GLU B 300 9.47 -10.94 -0.13
CA GLU B 300 10.42 -11.90 -0.70
C GLU B 300 10.87 -11.55 -2.10
N ALA B 301 9.89 -11.21 -2.97
CA ALA B 301 10.22 -10.92 -4.35
C ALA B 301 11.06 -9.65 -4.43
N MET B 302 10.79 -8.69 -3.56
CA MET B 302 11.59 -7.47 -3.49
C MET B 302 13.02 -7.76 -3.04
N ALA B 303 13.14 -8.65 -2.06
CA ALA B 303 14.42 -9.13 -1.57
C ALA B 303 15.28 -9.74 -2.67
N ILE B 304 14.72 -10.69 -3.39
CA ILE B 304 15.40 -11.32 -4.52
C ILE B 304 15.67 -10.33 -5.63
N GLY B 305 14.73 -9.43 -5.90
CA GLY B 305 14.95 -8.38 -6.90
C GLY B 305 16.13 -7.51 -6.51
N LEU B 306 16.22 -7.01 -5.26
CA LEU B 306 17.26 -6.07 -4.90
C LEU B 306 18.63 -6.66 -5.19
N ARG B 307 18.76 -7.93 -4.78
CA ARG B 307 19.94 -8.72 -5.12
C ARG B 307 20.14 -8.98 -6.59
N GLU B 308 19.08 -9.22 -7.36
CA GLU B 308 19.27 -9.42 -8.79
C GLU B 308 19.75 -8.16 -9.49
N ALA B 309 19.39 -6.98 -8.95
CA ALA B 309 19.72 -5.73 -9.60
C ALA B 309 21.21 -5.43 -9.52
N MET B 310 21.92 -6.04 -8.57
CA MET B 310 23.35 -5.78 -8.43
C MET B 310 24.17 -6.45 -9.51
N GLN B 311 23.65 -7.41 -10.27
CA GLN B 311 24.39 -8.02 -11.36
C GLN B 311 24.85 -6.96 -12.35
N TYR B 312 26.17 -6.78 -12.51
CA TYR B 312 26.66 -5.79 -13.45
C TYR B 312 25.99 -5.98 -14.81
N GLU B 313 26.06 -7.17 -15.39
CA GLU B 313 25.51 -7.37 -16.73
C GLU B 313 24.05 -6.96 -16.84
N TYR B 314 23.26 -7.14 -15.79
CA TYR B 314 21.87 -6.69 -15.83
C TYR B 314 21.79 -5.18 -15.94
N ILE B 315 22.40 -4.45 -15.01
CA ILE B 315 22.28 -3.00 -15.01
C ILE B 315 22.99 -2.39 -16.19
N GLU B 316 24.11 -2.91 -16.67
CA GLU B 316 24.70 -2.38 -17.89
C GLU B 316 23.72 -2.50 -19.05
N HIS B 317 23.13 -3.67 -19.28
CA HIS B 317 22.21 -3.81 -20.41
C HIS B 317 20.98 -2.92 -20.22
N ARG B 318 20.39 -2.86 -19.03
CA ARG B 318 19.27 -1.98 -18.78
C ARG B 318 19.58 -0.55 -19.26
N VAL B 319 20.50 0.14 -18.60
CA VAL B 319 20.97 1.45 -19.01
C VAL B 319 21.38 1.56 -20.48
N LYS B 320 22.11 0.59 -21.03
CA LYS B 320 22.55 0.73 -22.42
C LYS B 320 21.41 0.43 -23.39
N GLN B 321 20.36 -0.23 -22.91
CA GLN B 321 19.19 -0.42 -23.76
C GLN B 321 18.46 0.90 -23.92
N VAL B 322 18.40 1.73 -22.87
CA VAL B 322 17.82 3.07 -23.01
C VAL B 322 18.65 3.94 -23.93
N ARG B 323 19.96 3.94 -23.73
CA ARG B 323 20.93 4.71 -24.51
C ARG B 323 20.88 4.35 -25.98
N TYR B 324 20.68 3.07 -26.27
CA TYR B 324 20.46 2.61 -27.62
C TYR B 324 19.34 3.42 -28.25
N LEU B 325 18.19 3.47 -27.59
CA LEU B 325 17.06 4.25 -28.09
C LEU B 325 17.43 5.73 -28.26
N GLY B 326 18.02 6.34 -27.23
CA GLY B 326 18.49 7.72 -27.35
C GLY B 326 19.49 7.96 -28.47
N ASP B 327 20.45 7.06 -28.68
CA ASP B 327 21.43 7.19 -29.75
C ASP B 327 20.82 7.16 -31.14
N LYS B 328 19.86 6.27 -31.35
CA LYS B 328 19.22 6.11 -32.65
C LYS B 328 18.37 7.33 -32.95
N LEU B 329 17.75 7.95 -31.94
CA LEU B 329 16.96 9.14 -32.21
C LEU B 329 17.84 10.36 -32.48
N LYS B 330 18.94 10.47 -31.75
CA LYS B 330 19.83 11.62 -31.87
C LYS B 330 20.51 11.59 -33.23
N ALA B 331 20.97 10.41 -33.64
CA ALA B 331 21.56 10.17 -34.94
C ALA B 331 20.70 10.69 -36.07
N ALA B 332 19.39 10.53 -36.03
CA ALA B 332 18.50 11.07 -37.05
C ALA B 332 18.12 12.52 -36.79
N GLY B 333 18.61 13.19 -35.77
CA GLY B 333 18.29 14.59 -35.56
C GLY B 333 17.06 14.85 -34.73
N VAL B 334 16.39 13.80 -34.27
CA VAL B 334 15.23 13.97 -33.40
C VAL B 334 15.74 14.65 -32.12
N PRO B 335 15.05 15.66 -31.66
CA PRO B 335 15.49 16.44 -30.52
C PRO B 335 15.11 15.76 -29.21
N ILE B 336 16.03 15.49 -28.31
CA ILE B 336 15.73 14.82 -27.05
C ILE B 336 16.34 15.60 -25.89
N VAL B 337 16.03 15.28 -24.63
CA VAL B 337 16.80 15.89 -23.53
C VAL B 337 18.15 15.19 -23.48
N GLU B 338 19.26 15.86 -23.23
CA GLU B 338 20.54 15.16 -23.14
C GLU B 338 21.23 15.45 -21.81
N PRO B 339 22.22 14.65 -21.47
CA PRO B 339 22.40 13.32 -22.01
C PRO B 339 21.26 12.38 -21.59
N VAL B 340 21.06 11.33 -22.35
CA VAL B 340 19.99 10.37 -22.12
C VAL B 340 20.12 9.80 -20.71
N GLY B 341 19.08 9.74 -19.91
CA GLY B 341 19.18 9.24 -18.55
C GLY B 341 19.23 7.71 -18.43
N GLY B 342 18.98 7.23 -17.22
CA GLY B 342 19.09 5.81 -16.92
C GLY B 342 17.83 5.04 -17.25
N HIS B 343 16.67 5.71 -17.17
CA HIS B 343 15.41 5.04 -17.37
C HIS B 343 14.51 5.52 -18.49
N ALA B 344 14.76 6.65 -19.14
CA ALA B 344 13.78 7.11 -20.15
C ALA B 344 14.44 7.92 -21.22
N VAL B 345 13.88 8.06 -22.40
CA VAL B 345 14.32 9.10 -23.34
C VAL B 345 13.24 10.18 -23.41
N PHE B 346 13.54 11.44 -23.11
CA PHE B 346 12.53 12.50 -23.23
C PHE B 346 12.69 13.23 -24.57
N LEU B 347 11.64 13.16 -25.37
CA LEU B 347 11.59 13.92 -26.60
C LEU B 347 11.24 15.38 -26.23
N ASP B 348 11.87 16.31 -26.93
CA ASP B 348 11.52 17.72 -26.73
C ASP B 348 10.50 18.08 -27.80
N ALA B 349 9.24 18.10 -27.38
CA ALA B 349 8.09 18.26 -28.27
C ALA B 349 7.98 19.68 -28.79
N ARG B 350 8.53 20.61 -28.00
CA ARG B 350 8.54 22.00 -28.39
C ARG B 350 9.39 22.20 -29.64
N ARG B 351 10.55 21.58 -29.70
CA ARG B 351 11.43 21.60 -30.85
C ARG B 351 10.92 20.67 -31.94
N PHE B 352 10.39 19.50 -31.57
CA PHE B 352 9.85 18.54 -32.53
C PHE B 352 8.73 19.18 -33.35
N CYS B 353 7.88 19.89 -32.61
CA CYS B 353 6.70 20.56 -33.12
C CYS B 353 6.83 22.08 -33.07
N GLU B 354 7.79 22.64 -33.82
CA GLU B 354 8.01 24.09 -33.80
C GLU B 354 6.85 24.86 -34.41
N HIS B 355 6.08 24.29 -35.32
CA HIS B 355 4.89 24.92 -35.87
C HIS B 355 3.78 25.16 -34.86
N LEU B 356 3.68 24.34 -33.82
CA LEU B 356 2.64 24.49 -32.82
C LEU B 356 3.10 25.36 -31.65
N THR B 357 2.15 26.11 -31.11
CA THR B 357 2.39 26.83 -29.87
C THR B 357 2.00 25.86 -28.76
N GLN B 358 2.51 26.15 -27.56
CA GLN B 358 2.30 25.35 -26.38
C GLN B 358 0.86 25.24 -25.93
N ASP B 359 -0.03 26.11 -26.35
CA ASP B 359 -1.47 26.05 -26.17
C ASP B 359 -2.16 25.01 -27.04
N GLU B 360 -1.47 24.54 -28.08
CA GLU B 360 -2.02 23.55 -28.99
C GLU B 360 -1.51 22.17 -28.61
N PHE B 361 -0.84 22.10 -27.47
CA PHE B 361 -0.45 20.88 -26.80
C PHE B 361 0.37 19.93 -27.64
N PRO B 362 1.58 20.33 -27.97
CA PRO B 362 2.46 19.57 -28.84
C PRO B 362 2.88 18.24 -28.25
N ALA B 363 3.21 18.19 -26.97
CA ALA B 363 3.66 16.95 -26.35
C ALA B 363 2.53 15.92 -26.34
N GLN B 364 1.35 16.35 -25.91
CA GLN B 364 0.16 15.51 -25.94
C GLN B 364 -0.11 15.02 -27.36
N SER B 365 -0.08 15.93 -28.33
CA SER B 365 -0.36 15.52 -29.70
C SER B 365 0.69 14.58 -30.24
N LEU B 366 1.97 14.79 -29.95
CA LEU B 366 3.05 13.93 -30.43
C LEU B 366 2.89 12.52 -29.86
N ALA B 367 2.60 12.45 -28.57
CA ALA B 367 2.35 11.22 -27.85
C ALA B 367 1.16 10.47 -28.42
N ALA B 368 0.08 11.10 -28.83
CA ALA B 368 -0.99 10.49 -29.57
C ALA B 368 -0.49 9.90 -30.89
N SER B 369 0.27 10.65 -31.66
CA SER B 369 0.79 10.18 -32.93
C SER B 369 1.74 9.01 -32.80
N ILE B 370 2.61 9.02 -31.79
CA ILE B 370 3.48 7.86 -31.59
C ILE B 370 2.66 6.59 -31.41
N TYR B 371 1.57 6.63 -30.63
CA TYR B 371 0.71 5.48 -30.50
C TYR B 371 0.13 5.04 -31.84
N VAL B 372 -0.49 5.95 -32.60
CA VAL B 372 -1.10 5.52 -33.86
C VAL B 372 -0.05 4.91 -34.78
N GLU B 373 1.15 5.50 -34.89
CA GLU B 373 2.09 4.99 -35.85
C GLU B 373 2.78 3.71 -35.42
N THR B 374 2.96 3.50 -34.12
CA THR B 374 3.74 2.33 -33.68
C THR B 374 3.00 1.37 -32.78
N GLY B 375 2.00 1.80 -32.03
CA GLY B 375 1.38 0.99 -31.00
C GLY B 375 2.13 1.09 -29.68
N VAL B 376 2.94 2.13 -29.57
CA VAL B 376 3.75 2.45 -28.42
C VAL B 376 3.06 3.55 -27.64
N ARG B 377 2.83 3.33 -26.35
CA ARG B 377 2.29 4.35 -25.48
C ARG B 377 3.41 5.14 -24.80
N SER B 378 3.34 6.47 -24.84
CA SER B 378 4.34 7.29 -24.16
C SER B 378 3.54 8.25 -23.29
N MET B 379 4.22 9.03 -22.46
CA MET B 379 3.48 9.89 -21.54
C MET B 379 3.78 11.37 -21.79
N GLU B 380 2.66 12.13 -21.83
CA GLU B 380 2.76 13.58 -21.94
C GLU B 380 3.44 14.08 -20.65
N ARG B 381 4.47 14.90 -20.80
CA ARG B 381 5.09 15.60 -19.67
C ARG B 381 5.33 17.08 -20.04
N GLY B 382 4.23 17.76 -20.30
CA GLY B 382 4.34 19.15 -20.75
C GLY B 382 3.24 19.98 -20.08
N ILE B 383 2.75 20.95 -20.85
CA ILE B 383 1.66 21.80 -20.40
C ILE B 383 0.44 21.07 -19.90
N ILE B 384 -0.05 20.00 -20.52
CA ILE B 384 -1.21 19.29 -20.00
C ILE B 384 -0.99 18.75 -18.60
N SER B 385 0.15 18.15 -18.33
CA SER B 385 0.48 17.59 -17.03
C SER B 385 0.73 18.63 -15.94
N ALA B 386 1.09 19.85 -16.32
CA ALA B 386 1.45 20.90 -15.38
C ALA B 386 0.21 21.53 -14.77
N GLY B 387 -0.92 21.44 -15.46
CA GLY B 387 -2.17 21.96 -14.98
C GLY B 387 -2.34 23.47 -15.13
N ARG B 388 -3.59 23.83 -14.81
CA ARG B 388 -4.09 25.19 -14.82
C ARG B 388 -3.82 25.84 -13.47
N ASN B 389 -3.57 27.14 -13.49
CA ASN B 389 -3.45 27.92 -12.24
C ASN B 389 -4.88 28.33 -11.88
N ASN B 390 -5.45 27.85 -10.78
CA ASN B 390 -6.88 28.10 -10.55
C ASN B 390 -7.21 29.46 -9.98
N VAL B 391 -6.23 30.27 -9.64
CA VAL B 391 -6.29 31.68 -9.33
C VAL B 391 -6.58 32.50 -10.57
N THR B 392 -5.71 32.32 -11.56
CA THR B 392 -5.80 33.05 -12.82
C THR B 392 -6.68 32.31 -13.82
N GLY B 393 -6.62 30.99 -13.75
CA GLY B 393 -7.31 30.12 -14.69
C GLY B 393 -6.40 29.73 -15.85
N GLU B 394 -5.21 30.30 -15.90
CA GLU B 394 -4.33 30.13 -17.06
C GLU B 394 -3.50 28.86 -16.93
N HIS B 395 -3.18 28.17 -18.02
CA HIS B 395 -2.33 26.99 -17.91
C HIS B 395 -1.02 27.38 -17.21
N HIS B 396 -0.38 26.47 -16.49
CA HIS B 396 0.99 26.75 -16.07
C HIS B 396 1.88 26.40 -17.26
N ARG B 397 2.67 27.32 -17.78
CA ARG B 397 3.48 26.98 -18.95
C ARG B 397 4.86 26.51 -18.54
N PRO B 398 5.09 25.22 -18.64
CA PRO B 398 6.34 24.58 -18.23
C PRO B 398 7.43 24.76 -19.28
N LYS B 399 8.67 24.94 -18.83
CA LYS B 399 9.76 25.14 -19.76
C LYS B 399 9.98 23.90 -20.61
N LEU B 400 9.95 22.74 -19.97
CA LEU B 400 10.06 21.45 -20.63
C LEU B 400 8.69 20.96 -21.12
N GLU B 401 8.58 20.77 -22.42
CA GLU B 401 7.36 20.29 -23.07
C GLU B 401 7.70 18.99 -23.78
N THR B 402 7.80 17.95 -22.95
CA THR B 402 8.35 16.66 -23.33
C THR B 402 7.32 15.54 -23.39
N VAL B 403 7.64 14.55 -24.21
CA VAL B 403 6.98 13.27 -24.28
C VAL B 403 8.04 12.29 -23.73
N ARG B 404 7.70 11.56 -22.69
CA ARG B 404 8.64 10.65 -22.05
C ARG B 404 8.49 9.21 -22.49
N LEU B 405 9.64 8.61 -22.87
CA LEU B 405 9.64 7.22 -23.32
C LEU B 405 10.26 6.39 -22.20
N THR B 406 9.47 5.98 -21.22
CA THR B 406 10.01 5.37 -20.01
C THR B 406 10.07 3.86 -20.17
N ILE B 407 11.24 3.27 -19.94
CA ILE B 407 11.47 1.86 -20.24
C ILE B 407 11.42 0.99 -19.00
N PRO B 408 10.45 0.13 -18.83
CA PRO B 408 10.41 -0.89 -17.80
C PRO B 408 11.60 -1.84 -17.93
N ARG B 409 12.01 -2.45 -16.84
CA ARG B 409 13.21 -3.27 -16.78
C ARG B 409 12.96 -4.71 -17.19
N ARG B 410 13.76 -5.22 -18.11
CA ARG B 410 13.73 -6.60 -18.61
C ARG B 410 12.42 -6.98 -19.30
N VAL B 411 11.73 -6.05 -19.92
CA VAL B 411 10.49 -6.34 -20.61
C VAL B 411 10.62 -6.30 -22.13
N TYR B 412 11.42 -5.36 -22.64
CA TYR B 412 11.50 -5.16 -24.08
C TYR B 412 12.89 -5.51 -24.60
N THR B 413 12.99 -5.73 -25.92
CA THR B 413 14.20 -6.08 -26.61
C THR B 413 14.70 -4.91 -27.44
N TYR B 414 15.86 -5.06 -28.12
CA TYR B 414 16.29 -3.96 -29.00
C TYR B 414 15.38 -3.82 -30.22
N ALA B 415 14.69 -4.89 -30.62
CA ALA B 415 13.78 -4.81 -31.76
C ALA B 415 12.58 -3.92 -31.37
N HIS B 416 12.14 -4.03 -30.13
CA HIS B 416 11.07 -3.16 -29.66
C HIS B 416 11.53 -1.70 -29.67
N MET B 417 12.75 -1.41 -29.21
CA MET B 417 13.29 -0.07 -29.34
C MET B 417 13.35 0.39 -30.79
N ASP B 418 13.65 -0.52 -31.73
CA ASP B 418 13.68 -0.10 -33.12
C ASP B 418 12.32 0.36 -33.59
N VAL B 419 11.30 -0.38 -33.14
CA VAL B 419 9.91 -0.12 -33.53
C VAL B 419 9.59 1.31 -33.10
N VAL B 420 9.86 1.58 -31.84
CA VAL B 420 9.77 2.89 -31.27
C VAL B 420 10.57 3.93 -32.05
N ALA B 421 11.88 3.73 -32.19
CA ALA B 421 12.75 4.71 -32.81
C ALA B 421 12.32 4.99 -34.24
N ASP B 422 12.16 3.92 -35.03
CA ASP B 422 11.73 4.06 -36.41
C ASP B 422 10.45 4.85 -36.55
N GLY B 423 9.40 4.63 -35.76
CA GLY B 423 8.16 5.39 -35.88
C GLY B 423 8.34 6.87 -35.57
N ILE B 424 9.05 7.18 -34.49
CA ILE B 424 9.42 8.53 -34.13
C ILE B 424 10.26 9.21 -35.21
N ILE B 425 11.18 8.50 -35.85
CA ILE B 425 11.97 9.09 -36.93
C ILE B 425 11.13 9.44 -38.15
N LYS B 426 10.23 8.56 -38.55
CA LYS B 426 9.35 8.77 -39.70
C LYS B 426 8.42 9.94 -39.45
N LEU B 427 7.97 10.04 -38.19
CA LEU B 427 7.19 11.18 -37.75
C LEU B 427 8.01 12.46 -37.79
N TYR B 428 9.27 12.43 -37.39
CA TYR B 428 10.12 13.61 -37.42
C TYR B 428 10.33 14.14 -38.83
N GLN B 429 10.51 13.22 -39.77
CA GLN B 429 10.64 13.52 -41.19
C GLN B 429 9.44 14.23 -41.79
N HIS B 430 8.26 14.11 -41.22
CA HIS B 430 7.11 14.89 -41.70
C HIS B 430 6.49 15.55 -40.48
N LYS B 431 7.38 16.16 -39.68
CA LYS B 431 6.99 16.76 -38.42
C LYS B 431 5.95 17.84 -38.55
N GLU B 432 5.97 18.60 -39.64
CA GLU B 432 5.06 19.70 -39.88
C GLU B 432 3.61 19.23 -39.98
N ASP B 433 3.34 17.97 -40.30
CA ASP B 433 2.00 17.44 -40.41
C ASP B 433 1.34 17.04 -39.10
N ILE B 434 2.03 17.15 -37.97
CA ILE B 434 1.46 16.89 -36.66
C ILE B 434 0.55 18.03 -36.21
N ARG B 435 -0.74 17.75 -36.12
CA ARG B 435 -1.72 18.75 -35.74
C ARG B 435 -1.73 19.07 -34.25
N GLY B 436 -2.34 20.21 -33.95
CA GLY B 436 -2.48 20.67 -32.56
C GLY B 436 -3.75 20.04 -31.98
N LEU B 437 -3.87 20.05 -30.65
CA LEU B 437 -5.05 19.51 -29.99
C LEU B 437 -5.74 20.65 -29.22
N LYS B 438 -7.05 20.56 -29.07
CA LYS B 438 -7.84 21.43 -28.20
C LYS B 438 -8.59 20.53 -27.21
N PHE B 439 -8.82 20.98 -25.99
CA PHE B 439 -9.60 20.14 -25.09
C PHE B 439 -11.05 20.06 -25.60
N ILE B 440 -11.65 18.89 -25.47
CA ILE B 440 -13.09 18.78 -25.54
C ILE B 440 -13.62 18.37 -24.16
N TYR B 441 -12.71 18.10 -23.24
CA TYR B 441 -13.05 17.73 -21.88
C TYR B 441 -11.88 17.90 -20.91
N GLU B 442 -12.12 18.75 -19.91
CA GLU B 442 -11.08 19.10 -18.97
C GLU B 442 -11.52 19.08 -17.51
N PRO B 443 -10.90 18.15 -16.80
CA PRO B 443 -11.14 17.89 -15.40
C PRO B 443 -10.62 19.01 -14.51
N LYS B 444 -11.22 19.21 -13.35
CA LYS B 444 -10.79 20.24 -12.42
C LYS B 444 -9.42 19.90 -11.83
N GLN B 445 -9.34 18.67 -11.38
CA GLN B 445 -8.16 18.09 -10.77
C GLN B 445 -7.55 17.00 -11.64
N LEU B 446 -6.24 16.83 -11.54
CA LEU B 446 -5.53 15.76 -12.24
C LEU B 446 -5.87 15.66 -13.72
N ARG B 447 -5.78 16.76 -14.48
CA ARG B 447 -6.31 16.78 -15.83
C ARG B 447 -5.64 15.80 -16.78
N PHE B 448 -4.34 15.55 -16.64
CA PHE B 448 -3.60 14.69 -17.57
C PHE B 448 -4.21 13.30 -17.65
N PHE B 449 -4.58 12.76 -16.50
CA PHE B 449 -5.23 11.48 -16.41
C PHE B 449 -6.45 11.28 -17.29
N THR B 450 -7.40 12.22 -17.31
CA THR B 450 -8.67 11.94 -17.98
C THR B 450 -9.11 12.97 -18.99
N ALA B 451 -8.35 14.02 -19.22
CA ALA B 451 -8.66 14.96 -20.29
C ALA B 451 -8.87 14.18 -21.60
N ARG B 452 -9.86 14.60 -22.40
CA ARG B 452 -9.97 14.12 -23.78
C ARG B 452 -9.89 15.35 -24.70
N PHE B 453 -9.46 15.14 -25.93
CA PHE B 453 -9.15 16.21 -26.86
C PHE B 453 -9.71 15.95 -28.27
N ASP B 454 -9.62 16.99 -29.09
CA ASP B 454 -9.78 16.87 -30.53
C ASP B 454 -8.73 17.70 -31.25
N TYR B 455 -8.47 17.33 -32.50
CA TYR B 455 -7.56 18.08 -33.35
C TYR B 455 -8.16 19.44 -33.64
N ILE B 456 -7.34 20.48 -33.71
CA ILE B 456 -7.80 21.76 -34.22
C ILE B 456 -7.87 21.66 -35.76
CS CS C . -0.65 -10.82 4.15
CS CS D . 2.53 -2.62 -11.17
C1 HPP E . 3.87 8.87 -11.26
C2 HPP E . 3.12 9.22 -12.38
C3 HPP E . 2.52 10.46 -12.48
C4 HPP E . 2.65 11.36 -11.45
O4 HPP E . 2.06 12.61 -11.51
C5 HPP E . 3.39 11.04 -10.32
C6 HPP E . 3.98 9.80 -10.23
C7 HPP E . 4.53 7.52 -11.15
C8 HPP E . 5.95 7.34 -11.68
C9 HPP E . 6.07 7.75 -13.14
O1 HPP E . 6.53 8.89 -13.38
O2 HPP E . 5.74 6.96 -14.05
#